data_1UJQ
#
_entry.id   1UJQ
#
_cell.length_a   62.812
_cell.length_b   99.086
_cell.length_c   201.571
_cell.angle_alpha   90.00
_cell.angle_beta   90.00
_cell.angle_gamma   90.00
#
_symmetry.space_group_name_H-M   'P 21 21 21'
#
loop_
_entity.id
_entity.type
_entity.pdbx_description
1 polymer 'Probable methylisocitrate lyase'
2 water water
#
_entity_poly.entity_id   1
_entity_poly.type   'polypeptide(L)'
_entity_poly.pdbx_seq_one_letter_code
;MASSLHSPGQAFRAALAKENPLQIVGAINANHALLAQRAGYQAIYLSGGGVAAGSLGLPDLGISTLDDVLTDIRRITDVC
PLPLLVDADIGFGSSAFNVARTVKSIAKAGAAALHIEDQVGAKRCGHRPNKAIVSKEEMVDRIRAAVDARTDPNFVIMAR
TDALAVEGLEAALDRAQAYVDAGADMLFPEAITELSMYRRFADVAQVPILANITEFGATPLFTTDELRSAHVAMALYPLS
AFRAMNRAAEKVYTVLRQEGTQKNVIDIMQTRNELYESINYYQFEEKLDALYRNKKSLEHHHHHH
;
_entity_poly.pdbx_strand_id   A,B,C,D
#
# COMPACT_ATOMS: atom_id res chain seq x y z
N HIS A 6 10.65 20.30 -13.13
CA HIS A 6 10.52 19.21 -12.12
C HIS A 6 9.75 19.69 -10.88
N SER A 7 8.70 20.47 -11.11
CA SER A 7 7.90 21.00 -10.00
C SER A 7 6.41 21.08 -10.34
N PRO A 8 5.60 20.13 -9.84
CA PRO A 8 4.18 20.22 -10.16
C PRO A 8 3.58 21.52 -9.64
N GLY A 9 4.16 22.05 -8.56
CA GLY A 9 3.67 23.30 -8.01
C GLY A 9 3.81 24.43 -9.01
N GLN A 10 4.96 24.48 -9.68
CA GLN A 10 5.20 25.51 -10.69
C GLN A 10 4.21 25.35 -11.83
N ALA A 11 3.98 24.10 -12.24
CA ALA A 11 3.06 23.82 -13.33
C ALA A 11 1.65 24.32 -12.99
N PHE A 12 1.26 24.17 -11.72
CA PHE A 12 -0.06 24.61 -11.31
C PHE A 12 -0.14 26.14 -11.41
N ARG A 13 0.88 26.82 -10.89
CA ARG A 13 0.92 28.28 -10.94
C ARG A 13 0.96 28.79 -12.38
N ALA A 14 1.65 28.09 -13.26
CA ALA A 14 1.74 28.50 -14.65
C ALA A 14 0.37 28.37 -15.33
N ALA A 15 -0.38 27.32 -14.98
CA ALA A 15 -1.71 27.10 -15.56
C ALA A 15 -2.63 28.24 -15.15
N LEU A 16 -2.47 28.70 -13.91
CA LEU A 16 -3.26 29.81 -13.38
C LEU A 16 -3.01 31.07 -14.20
N ALA A 17 -1.74 31.35 -14.47
CA ALA A 17 -1.37 32.55 -15.22
C ALA A 17 -1.83 32.50 -16.66
N LYS A 18 -1.79 31.29 -17.23
CA LYS A 18 -2.17 31.06 -18.62
C LYS A 18 -3.68 31.07 -18.93
N GLU A 19 -4.47 30.55 -17.99
CA GLU A 19 -5.92 30.47 -18.19
C GLU A 19 -6.63 31.15 -17.04
N ASN A 20 -7.50 32.11 -17.37
CA ASN A 20 -8.20 32.87 -16.35
C ASN A 20 -9.66 33.11 -16.73
N PRO A 21 -10.60 32.51 -15.98
CA PRO A 21 -10.34 31.65 -14.83
C PRO A 21 -9.83 30.29 -15.31
N LEU A 22 -9.04 29.62 -14.48
CA LEU A 22 -8.53 28.31 -14.82
C LEU A 22 -9.56 27.23 -14.47
N GLN A 23 -9.95 26.43 -15.46
CA GLN A 23 -10.89 25.36 -15.20
C GLN A 23 -10.14 24.17 -14.63
N ILE A 24 -10.55 23.75 -13.44
CA ILE A 24 -9.94 22.61 -12.77
C ILE A 24 -11.05 21.56 -12.65
N VAL A 25 -10.93 20.47 -13.40
CA VAL A 25 -11.94 19.42 -13.35
C VAL A 25 -11.52 18.25 -12.49
N GLY A 26 -12.48 17.64 -11.81
CA GLY A 26 -12.16 16.52 -10.96
C GLY A 26 -11.95 15.29 -11.84
N ALA A 27 -11.02 14.43 -11.42
CA ALA A 27 -10.76 13.18 -12.14
C ALA A 27 -10.86 12.13 -11.05
N ILE A 28 -11.82 11.23 -11.19
CA ILE A 28 -12.06 10.18 -10.20
C ILE A 28 -10.96 9.12 -10.17
N ASN A 29 -10.21 9.00 -11.26
CA ASN A 29 -9.11 8.04 -11.35
C ASN A 29 -8.15 8.41 -12.49
N ALA A 30 -7.08 7.65 -12.58
CA ALA A 30 -6.04 7.88 -13.59
C ALA A 30 -6.59 7.98 -15.01
N ASN A 31 -7.47 7.06 -15.38
CA ASN A 31 -8.04 7.06 -16.72
C ASN A 31 -8.72 8.39 -17.02
N HIS A 32 -9.59 8.86 -16.14
CA HIS A 32 -10.29 10.13 -16.36
C HIS A 32 -9.34 11.32 -16.35
N ALA A 33 -8.21 11.21 -15.66
CA ALA A 33 -7.24 12.28 -15.65
C ALA A 33 -6.71 12.41 -17.08
N LEU A 34 -6.54 11.26 -17.75
CA LEU A 34 -6.05 11.27 -19.13
C LEU A 34 -7.11 11.83 -20.07
N LEU A 35 -8.37 11.47 -19.82
CA LEU A 35 -9.46 11.98 -20.66
C LEU A 35 -9.51 13.49 -20.52
N ALA A 36 -9.42 13.99 -19.29
CA ALA A 36 -9.44 15.43 -19.05
C ALA A 36 -8.27 16.07 -19.78
N GLN A 37 -7.09 15.49 -19.66
CA GLN A 37 -5.90 16.03 -20.33
C GLN A 37 -6.12 16.07 -21.85
N ARG A 38 -6.73 15.03 -22.41
CA ARG A 38 -6.99 14.99 -23.85
C ARG A 38 -8.06 16.02 -24.25
N ALA A 39 -8.97 16.31 -23.33
CA ALA A 39 -10.02 17.29 -23.60
C ALA A 39 -9.42 18.69 -23.58
N GLY A 40 -8.16 18.80 -23.14
CA GLY A 40 -7.51 20.11 -23.13
C GLY A 40 -7.36 20.83 -21.80
N TYR A 41 -7.83 20.26 -20.69
CA TYR A 41 -7.69 20.94 -19.41
C TYR A 41 -6.24 21.07 -18.99
N GLN A 42 -5.93 22.13 -18.23
CA GLN A 42 -4.56 22.40 -17.77
C GLN A 42 -4.30 22.03 -16.32
N ALA A 43 -5.35 21.66 -15.58
CA ALA A 43 -5.20 21.26 -14.18
C ALA A 43 -6.38 20.36 -13.81
N ILE A 44 -6.15 19.46 -12.86
CA ILE A 44 -7.19 18.54 -12.43
C ILE A 44 -7.35 18.54 -10.92
N TYR A 45 -8.36 17.85 -10.42
CA TYR A 45 -8.65 17.84 -9.00
C TYR A 45 -8.94 16.44 -8.46
N LEU A 46 -8.54 16.20 -7.21
CA LEU A 46 -8.83 14.92 -6.57
C LEU A 46 -9.78 15.27 -5.44
N SER A 47 -11.08 15.08 -5.69
CA SER A 47 -12.11 15.37 -4.71
C SER A 47 -12.08 14.42 -3.52
N GLY A 48 -12.20 14.96 -2.32
CA GLY A 48 -12.22 14.13 -1.13
C GLY A 48 -13.51 13.33 -1.13
N GLY A 49 -14.60 13.99 -1.54
CA GLY A 49 -15.88 13.32 -1.61
C GLY A 49 -15.84 12.21 -2.63
N GLY A 50 -15.02 12.40 -3.67
CA GLY A 50 -14.89 11.40 -4.71
C GLY A 50 -14.09 10.18 -4.26
N VAL A 51 -13.04 10.41 -3.48
CA VAL A 51 -12.23 9.30 -2.98
C VAL A 51 -13.13 8.41 -2.12
N ALA A 52 -13.94 9.04 -1.27
CA ALA A 52 -14.85 8.29 -0.39
C ALA A 52 -15.96 7.57 -1.16
N ALA A 53 -16.74 8.33 -1.92
CA ALA A 53 -17.85 7.75 -2.67
C ALA A 53 -17.45 6.86 -3.85
N GLY A 54 -16.39 7.24 -4.55
CA GLY A 54 -15.95 6.47 -5.70
C GLY A 54 -14.96 5.36 -5.42
N SER A 55 -13.82 5.71 -4.82
CA SER A 55 -12.79 4.72 -4.51
C SER A 55 -13.16 3.78 -3.36
N LEU A 56 -13.95 4.25 -2.41
CA LEU A 56 -14.32 3.42 -1.26
C LEU A 56 -15.79 3.03 -1.19
N GLY A 57 -16.62 3.69 -1.99
CA GLY A 57 -18.05 3.41 -1.97
C GLY A 57 -18.67 3.81 -0.64
N LEU A 58 -18.10 4.85 -0.03
CA LEU A 58 -18.55 5.34 1.27
C LEU A 58 -18.96 6.80 1.25
N PRO A 59 -19.85 7.19 2.17
CA PRO A 59 -20.25 8.60 2.19
C PRO A 59 -19.08 9.46 2.64
N ASP A 60 -19.11 10.73 2.26
CA ASP A 60 -18.07 11.67 2.61
C ASP A 60 -18.27 12.16 4.05
N LEU A 61 -18.21 11.24 5.00
CA LEU A 61 -18.40 11.57 6.40
C LEU A 61 -17.17 11.31 7.28
N GLY A 62 -15.99 11.51 6.71
CA GLY A 62 -14.75 11.32 7.45
C GLY A 62 -14.32 9.89 7.70
N ILE A 63 -14.73 8.98 6.82
CA ILE A 63 -14.35 7.58 6.97
C ILE A 63 -13.06 7.25 6.21
N SER A 64 -12.85 7.89 5.06
CA SER A 64 -11.64 7.64 4.29
C SER A 64 -10.41 8.08 5.08
N THR A 65 -9.25 7.54 4.73
CA THR A 65 -8.02 7.91 5.43
C THR A 65 -7.05 8.58 4.45
N LEU A 66 -5.93 9.07 4.96
CA LEU A 66 -4.94 9.72 4.13
C LEU A 66 -4.42 8.71 3.11
N ASP A 67 -4.23 7.47 3.56
CA ASP A 67 -3.73 6.41 2.69
C ASP A 67 -4.60 6.20 1.45
N ASP A 68 -5.91 6.28 1.60
CA ASP A 68 -6.81 6.12 0.46
C ASP A 68 -6.55 7.25 -0.54
N VAL A 69 -6.28 8.43 -0.02
CA VAL A 69 -6.03 9.61 -0.85
C VAL A 69 -4.67 9.53 -1.53
N LEU A 70 -3.64 9.14 -0.77
CA LEU A 70 -2.30 9.04 -1.32
C LEU A 70 -2.25 8.06 -2.50
N THR A 71 -2.99 6.97 -2.37
CA THR A 71 -3.03 5.95 -3.42
C THR A 71 -3.57 6.55 -4.71
N ASP A 72 -4.69 7.27 -4.62
CA ASP A 72 -5.27 7.86 -5.82
C ASP A 72 -4.35 8.94 -6.39
N ILE A 73 -3.67 9.69 -5.52
CA ILE A 73 -2.75 10.72 -6.00
C ILE A 73 -1.63 10.08 -6.83
N ARG A 74 -1.01 9.03 -6.28
CA ARG A 74 0.07 8.35 -6.99
C ARG A 74 -0.40 7.77 -8.31
N ARG A 75 -1.54 7.08 -8.30
CA ARG A 75 -2.08 6.48 -9.52
C ARG A 75 -2.27 7.54 -10.61
N ILE A 76 -2.88 8.66 -10.25
CA ILE A 76 -3.14 9.73 -11.18
C ILE A 76 -1.88 10.44 -11.68
N THR A 77 -1.06 10.91 -10.75
CA THR A 77 0.15 11.64 -11.13
C THR A 77 1.24 10.75 -11.70
N ASP A 78 1.15 9.44 -11.50
CA ASP A 78 2.17 8.56 -12.05
C ASP A 78 2.01 8.43 -13.56
N VAL A 79 0.82 8.73 -14.08
CA VAL A 79 0.60 8.62 -15.52
C VAL A 79 0.19 9.94 -16.19
N CYS A 80 -0.41 10.84 -15.41
CA CYS A 80 -0.83 12.12 -15.98
C CYS A 80 0.01 13.26 -15.39
N PRO A 81 0.63 14.07 -16.27
CA PRO A 81 1.47 15.20 -15.86
C PRO A 81 0.74 16.49 -15.46
N LEU A 82 -0.56 16.55 -15.68
CA LEU A 82 -1.31 17.76 -15.33
C LEU A 82 -1.21 18.02 -13.83
N PRO A 83 -0.96 19.26 -13.43
CA PRO A 83 -0.87 19.57 -12.00
C PRO A 83 -2.17 19.17 -11.31
N LEU A 84 -2.05 18.49 -10.17
CA LEU A 84 -3.22 18.02 -9.42
C LEU A 84 -3.45 18.72 -8.09
N LEU A 85 -4.64 19.29 -7.93
CA LEU A 85 -5.02 19.96 -6.69
C LEU A 85 -5.73 18.91 -5.85
N VAL A 86 -5.30 18.73 -4.60
CA VAL A 86 -5.89 17.72 -3.74
C VAL A 86 -6.68 18.23 -2.54
N ASP A 87 -7.81 17.59 -2.28
CA ASP A 87 -8.68 17.92 -1.16
C ASP A 87 -8.08 17.23 0.05
N ALA A 88 -7.47 17.99 0.96
CA ALA A 88 -6.85 17.39 2.14
C ALA A 88 -7.64 17.58 3.43
N ASP A 89 -8.89 18.04 3.33
N ASP A 89 -8.89 18.04 3.33
CA ASP A 89 -9.75 18.25 4.50
CA ASP A 89 -9.75 18.25 4.50
C ASP A 89 -9.14 19.16 5.56
C ASP A 89 -9.14 19.16 5.56
N ILE A 90 -8.82 18.59 6.74
CA ILE A 90 -8.22 19.39 7.80
C ILE A 90 -6.81 18.93 8.15
N GLY A 91 -6.24 18.07 7.30
CA GLY A 91 -4.89 17.59 7.54
C GLY A 91 -4.81 16.16 8.04
N PHE A 92 -5.94 15.47 8.08
CA PHE A 92 -5.97 14.08 8.54
C PHE A 92 -5.21 13.94 9.85
N GLY A 93 -5.88 14.24 10.95
CA GLY A 93 -5.28 14.16 12.27
C GLY A 93 -5.81 15.27 13.14
N SER A 94 -4.95 15.83 13.98
CA SER A 94 -5.36 16.91 14.87
C SER A 94 -4.17 17.69 15.42
N SER A 95 -2.98 17.13 15.25
CA SER A 95 -1.76 17.78 15.73
C SER A 95 -0.96 18.43 14.62
N ALA A 96 -0.10 19.37 15.00
CA ALA A 96 0.74 20.07 14.05
C ALA A 96 1.62 19.06 13.33
N PHE A 97 1.92 17.96 14.01
CA PHE A 97 2.75 16.90 13.44
C PHE A 97 1.96 16.09 12.42
N ASN A 98 0.65 16.05 12.60
CA ASN A 98 -0.22 15.31 11.69
C ASN A 98 -0.41 16.10 10.39
N VAL A 99 -0.62 17.41 10.51
CA VAL A 99 -0.79 18.25 9.33
C VAL A 99 0.50 18.24 8.51
N ALA A 100 1.63 18.34 9.20
CA ALA A 100 2.93 18.34 8.56
C ALA A 100 3.16 17.04 7.80
N ARG A 101 2.93 15.91 8.47
CA ARG A 101 3.13 14.62 7.82
C ARG A 101 2.18 14.48 6.63
N THR A 102 0.96 14.97 6.79
CA THR A 102 -0.03 14.92 5.72
C THR A 102 0.39 15.78 4.52
N VAL A 103 0.75 17.03 4.78
CA VAL A 103 1.17 17.93 3.70
C VAL A 103 2.34 17.32 2.96
N LYS A 104 3.35 16.87 3.70
CA LYS A 104 4.53 16.27 3.10
C LYS A 104 4.22 15.04 2.25
N SER A 105 3.40 14.14 2.79
CA SER A 105 3.07 12.93 2.06
C SER A 105 2.28 13.19 0.78
N ILE A 106 1.34 14.14 0.83
CA ILE A 106 0.55 14.48 -0.36
C ILE A 106 1.45 15.02 -1.46
N ALA A 107 2.40 15.88 -1.08
CA ALA A 107 3.33 16.46 -2.05
C ALA A 107 4.24 15.36 -2.58
N LYS A 108 4.75 14.53 -1.68
CA LYS A 108 5.64 13.45 -2.07
C LYS A 108 4.93 12.47 -3.02
N ALA A 109 3.63 12.27 -2.80
CA ALA A 109 2.85 11.37 -3.63
C ALA A 109 2.73 11.91 -5.06
N GLY A 110 3.01 13.20 -5.26
CA GLY A 110 2.94 13.78 -6.60
C GLY A 110 2.02 14.97 -6.85
N ALA A 111 1.26 15.40 -5.85
CA ALA A 111 0.34 16.51 -6.02
C ALA A 111 1.04 17.84 -6.26
N ALA A 112 0.32 18.78 -6.86
CA ALA A 112 0.88 20.10 -7.14
C ALA A 112 0.34 21.11 -6.15
N ALA A 113 -0.79 20.79 -5.53
CA ALA A 113 -1.41 21.69 -4.56
C ALA A 113 -2.44 20.98 -3.71
N LEU A 114 -2.87 21.64 -2.65
CA LEU A 114 -3.88 21.06 -1.79
C LEU A 114 -4.59 22.15 -1.04
N HIS A 115 -5.76 21.86 -0.53
CA HIS A 115 -6.49 22.83 0.25
C HIS A 115 -6.93 22.18 1.55
N ILE A 116 -6.91 22.97 2.62
CA ILE A 116 -7.34 22.54 3.95
C ILE A 116 -8.40 23.54 4.35
N GLU A 117 -9.36 23.11 5.17
CA GLU A 117 -10.45 23.98 5.58
C GLU A 117 -10.46 24.25 7.07
N ASP A 118 -11.25 25.22 7.50
CA ASP A 118 -11.35 25.56 8.92
C ASP A 118 -12.44 24.77 9.62
N GLN A 119 -12.82 23.65 9.01
CA GLN A 119 -13.85 22.78 9.56
C GLN A 119 -13.34 22.13 10.84
N VAL A 120 -14.24 21.93 11.80
CA VAL A 120 -13.85 21.31 13.07
C VAL A 120 -13.74 19.79 12.90
N ALA A 132 -20.06 23.75 12.36
CA ALA A 132 -19.15 24.64 13.06
C ALA A 132 -17.76 24.64 12.43
N ILE A 133 -17.01 25.70 12.69
CA ILE A 133 -15.66 25.85 12.16
C ILE A 133 -14.74 26.20 13.31
N VAL A 134 -13.47 25.83 13.19
CA VAL A 134 -12.49 26.13 14.23
C VAL A 134 -12.27 27.64 14.28
N SER A 135 -11.60 28.10 15.33
CA SER A 135 -11.34 29.52 15.49
C SER A 135 -10.33 30.00 14.45
N LYS A 136 -10.30 31.30 14.23
CA LYS A 136 -9.38 31.90 13.28
C LYS A 136 -7.95 31.54 13.68
N GLU A 137 -7.68 31.55 14.98
CA GLU A 137 -6.37 31.22 15.51
C GLU A 137 -6.05 29.76 15.24
N GLU A 138 -7.04 28.89 15.46
CA GLU A 138 -6.89 27.47 15.24
C GLU A 138 -6.49 27.20 13.79
N MET A 139 -7.22 27.81 12.86
CA MET A 139 -6.95 27.64 11.44
C MET A 139 -5.61 28.24 11.07
N VAL A 140 -5.31 29.41 11.62
CA VAL A 140 -4.04 30.08 11.33
C VAL A 140 -2.88 29.13 11.64
N ASP A 141 -2.96 28.43 12.76
CA ASP A 141 -1.92 27.49 13.14
C ASP A 141 -1.82 26.33 12.16
N ARG A 142 -2.95 25.86 11.66
CA ARG A 142 -2.96 24.78 10.69
C ARG A 142 -2.23 25.22 9.43
N ILE A 143 -2.63 26.38 8.92
CA ILE A 143 -2.01 26.92 7.71
C ILE A 143 -0.51 27.07 7.89
N ARG A 144 -0.10 27.64 9.03
CA ARG A 144 1.32 27.83 9.31
C ARG A 144 2.07 26.50 9.41
N ALA A 145 1.40 25.50 9.97
CA ALA A 145 1.99 24.17 10.10
C ALA A 145 2.21 23.58 8.71
N ALA A 146 1.24 23.78 7.83
CA ALA A 146 1.32 23.27 6.47
C ALA A 146 2.44 23.96 5.70
N VAL A 147 2.41 25.29 5.71
CA VAL A 147 3.42 26.08 4.99
C VAL A 147 4.85 25.74 5.42
N ASP A 148 5.05 25.44 6.70
CA ASP A 148 6.36 25.10 7.20
C ASP A 148 6.79 23.69 6.81
N ALA A 149 5.82 22.80 6.60
CA ALA A 149 6.12 21.42 6.22
C ALA A 149 6.49 21.35 4.74
N ARG A 150 5.98 22.31 3.98
CA ARG A 150 6.23 22.37 2.54
C ARG A 150 7.73 22.38 2.22
N THR A 151 8.14 21.50 1.32
CA THR A 151 9.55 21.42 0.92
C THR A 151 9.83 22.23 -0.33
N ASP A 152 8.84 22.33 -1.20
CA ASP A 152 8.97 23.10 -2.44
C ASP A 152 8.11 24.35 -2.27
N PRO A 153 8.74 25.53 -2.26
CA PRO A 153 7.97 26.77 -2.10
C PRO A 153 6.87 26.93 -3.15
N ASN A 154 7.04 26.27 -4.29
CA ASN A 154 6.05 26.34 -5.37
C ASN A 154 4.80 25.52 -5.08
N PHE A 155 4.94 24.48 -4.25
CA PHE A 155 3.78 23.65 -3.90
C PHE A 155 2.74 24.60 -3.31
N VAL A 156 1.53 24.56 -3.84
CA VAL A 156 0.48 25.46 -3.39
C VAL A 156 -0.34 25.02 -2.17
N ILE A 157 -0.50 25.93 -1.22
CA ILE A 157 -1.29 25.67 -0.02
C ILE A 157 -2.51 26.59 -0.09
N MET A 158 -3.67 25.98 -0.30
CA MET A 158 -4.93 26.71 -0.42
C MET A 158 -5.77 26.53 0.85
N ALA A 159 -6.39 27.63 1.30
CA ALA A 159 -7.24 27.60 2.48
C ALA A 159 -8.71 27.66 2.11
N ARG A 160 -9.46 26.65 2.54
CA ARG A 160 -10.88 26.56 2.29
C ARG A 160 -11.63 27.00 3.54
N THR A 161 -12.64 27.85 3.37
CA THR A 161 -13.40 28.34 4.52
C THR A 161 -14.89 28.49 4.24
N ASP A 162 -15.69 28.23 5.25
CA ASP A 162 -17.15 28.35 5.14
C ASP A 162 -17.64 29.35 6.18
N ALA A 163 -16.78 30.30 6.52
CA ALA A 163 -17.11 31.33 7.51
C ALA A 163 -18.26 32.25 7.07
N LEU A 164 -18.34 32.53 5.78
CA LEU A 164 -19.39 33.41 5.29
C LEU A 164 -20.76 32.97 5.78
N ALA A 165 -21.06 31.69 5.58
CA ALA A 165 -22.34 31.14 6.01
C ALA A 165 -22.44 31.03 7.53
N VAL A 166 -21.40 30.44 8.12
CA VAL A 166 -21.36 30.23 9.56
C VAL A 166 -21.30 31.49 10.43
N GLU A 167 -20.30 32.33 10.19
CA GLU A 167 -20.11 33.54 11.00
C GLU A 167 -20.48 34.88 10.37
N GLY A 168 -20.86 34.91 9.10
CA GLY A 168 -21.20 36.17 8.49
C GLY A 168 -20.03 36.80 7.74
N LEU A 169 -20.31 37.79 6.91
CA LEU A 169 -19.29 38.46 6.10
C LEU A 169 -18.11 39.08 6.85
N GLU A 170 -18.40 39.89 7.86
CA GLU A 170 -17.34 40.55 8.62
C GLU A 170 -16.31 39.53 9.11
N ALA A 171 -16.79 38.43 9.69
CA ALA A 171 -15.88 37.41 10.20
C ALA A 171 -15.14 36.68 9.07
N ALA A 172 -15.85 36.40 7.99
CA ALA A 172 -15.26 35.70 6.86
C ALA A 172 -14.12 36.51 6.26
N LEU A 173 -14.37 37.78 5.95
CA LEU A 173 -13.35 38.63 5.36
C LEU A 173 -12.18 38.76 6.32
N ASP A 174 -12.47 38.75 7.62
CA ASP A 174 -11.43 38.86 8.63
C ASP A 174 -10.55 37.61 8.63
N ARG A 175 -11.17 36.45 8.56
CA ARG A 175 -10.41 35.20 8.54
C ARG A 175 -9.59 35.12 7.26
N ALA A 176 -10.19 35.55 6.15
CA ALA A 176 -9.52 35.53 4.85
C ALA A 176 -8.17 36.25 4.91
N GLN A 177 -8.16 37.47 5.42
CA GLN A 177 -6.91 38.22 5.53
C GLN A 177 -5.95 37.49 6.46
N ALA A 178 -6.48 36.98 7.57
CA ALA A 178 -5.68 36.27 8.53
C ALA A 178 -5.10 34.98 7.93
N TYR A 179 -5.87 34.32 7.07
CA TYR A 179 -5.39 33.08 6.46
C TYR A 179 -4.27 33.39 5.49
N VAL A 180 -4.40 34.47 4.74
CA VAL A 180 -3.39 34.89 3.79
C VAL A 180 -2.12 35.31 4.52
N ASP A 181 -2.28 36.05 5.61
CA ASP A 181 -1.12 36.48 6.39
C ASP A 181 -0.39 35.26 6.94
N ALA A 182 -1.14 34.19 7.18
CA ALA A 182 -0.56 32.97 7.71
C ALA A 182 0.18 32.13 6.67
N GLY A 183 0.05 32.49 5.40
CA GLY A 183 0.75 31.76 4.36
C GLY A 183 -0.08 31.12 3.25
N ALA A 184 -1.40 31.16 3.34
CA ALA A 184 -2.24 30.57 2.29
C ALA A 184 -1.96 31.27 0.97
N ASP A 185 -1.58 30.50 -0.05
CA ASP A 185 -1.29 31.06 -1.37
C ASP A 185 -2.57 31.40 -2.14
N MET A 186 -3.65 30.70 -1.81
CA MET A 186 -4.94 30.91 -2.48
C MET A 186 -6.09 30.68 -1.50
N LEU A 187 -7.27 31.19 -1.86
CA LEU A 187 -8.44 31.07 -1.00
C LEU A 187 -9.58 30.35 -1.72
N PHE A 188 -10.29 29.50 -0.97
CA PHE A 188 -11.41 28.73 -1.46
C PHE A 188 -12.59 28.99 -0.52
N PRO A 189 -13.33 30.08 -0.76
CA PRO A 189 -14.49 30.50 0.04
C PRO A 189 -15.80 29.84 -0.40
N GLU A 190 -16.46 29.17 0.53
CA GLU A 190 -17.73 28.49 0.24
C GLU A 190 -18.96 29.39 0.42
N ALA A 191 -20.09 28.90 -0.06
CA ALA A 191 -21.37 29.60 0.07
C ALA A 191 -21.57 30.91 -0.70
N ILE A 192 -20.74 31.18 -1.69
CA ILE A 192 -20.93 32.41 -2.46
C ILE A 192 -21.86 32.14 -3.63
N THR A 193 -22.90 32.96 -3.75
CA THR A 193 -23.87 32.79 -4.82
C THR A 193 -23.95 33.98 -5.76
N GLU A 194 -23.18 35.02 -5.46
CA GLU A 194 -23.21 36.22 -6.30
C GLU A 194 -21.83 36.68 -6.72
N LEU A 195 -21.69 37.01 -8.00
CA LEU A 195 -20.44 37.50 -8.57
C LEU A 195 -19.83 38.62 -7.75
N SER A 196 -20.67 39.59 -7.36
CA SER A 196 -20.22 40.73 -6.58
C SER A 196 -19.52 40.30 -5.31
N MET A 197 -19.98 39.20 -4.71
CA MET A 197 -19.38 38.72 -3.48
C MET A 197 -18.00 38.08 -3.74
N TYR A 198 -17.85 37.42 -4.89
CA TYR A 198 -16.54 36.82 -5.22
C TYR A 198 -15.60 37.99 -5.41
N ARG A 199 -16.10 39.02 -6.08
CA ARG A 199 -15.35 40.23 -6.36
C ARG A 199 -14.81 40.82 -5.05
N ARG A 200 -15.68 40.91 -4.04
CA ARG A 200 -15.30 41.46 -2.75
C ARG A 200 -14.23 40.60 -2.05
N PHE A 201 -14.41 39.28 -2.08
CA PHE A 201 -13.43 38.39 -1.44
C PHE A 201 -12.07 38.48 -2.12
N ALA A 202 -12.06 38.60 -3.44
CA ALA A 202 -10.82 38.70 -4.19
C ALA A 202 -10.11 40.00 -3.80
N ASP A 203 -10.87 41.09 -3.72
CA ASP A 203 -10.29 42.38 -3.37
C ASP A 203 -9.65 42.35 -1.98
N VAL A 204 -10.31 41.70 -1.03
CA VAL A 204 -9.80 41.63 0.33
C VAL A 204 -8.63 40.65 0.53
N ALA A 205 -8.79 39.42 0.07
CA ALA A 205 -7.76 38.40 0.23
C ALA A 205 -6.48 38.71 -0.56
N GLN A 206 -6.63 39.32 -1.73
CA GLN A 206 -5.48 39.66 -2.56
C GLN A 206 -4.69 38.44 -3.04
N VAL A 207 -5.35 37.28 -3.11
CA VAL A 207 -4.73 36.05 -3.58
C VAL A 207 -5.75 35.37 -4.51
N PRO A 208 -5.29 34.46 -5.38
CA PRO A 208 -6.21 33.76 -6.29
C PRO A 208 -7.41 33.16 -5.56
N ILE A 209 -8.61 33.37 -6.11
CA ILE A 209 -9.83 32.85 -5.53
C ILE A 209 -10.41 31.73 -6.38
N LEU A 210 -10.85 30.66 -5.72
CA LEU A 210 -11.45 29.53 -6.41
C LEU A 210 -12.95 29.49 -6.16
N ALA A 211 -13.72 29.34 -7.22
CA ALA A 211 -15.17 29.25 -7.10
C ALA A 211 -15.53 27.78 -7.36
N ASN A 212 -16.29 27.18 -6.45
CA ASN A 212 -16.68 25.79 -6.59
C ASN A 212 -17.99 25.70 -7.37
N ILE A 213 -17.90 25.33 -8.64
CA ILE A 213 -19.08 25.23 -9.49
C ILE A 213 -19.62 23.80 -9.55
N THR A 214 -19.78 23.16 -8.39
CA THR A 214 -20.29 21.79 -8.35
C THR A 214 -21.79 21.87 -8.63
N GLU A 215 -22.38 20.78 -9.11
CA GLU A 215 -23.81 20.81 -9.39
C GLU A 215 -24.66 20.29 -8.22
N PHE A 216 -25.96 20.53 -8.30
CA PHE A 216 -26.89 20.10 -7.27
C PHE A 216 -26.59 20.77 -5.93
N GLY A 217 -26.07 21.99 -6.00
CA GLY A 217 -25.75 22.74 -4.80
C GLY A 217 -26.43 24.09 -4.77
N ALA A 218 -26.01 24.95 -3.85
CA ALA A 218 -26.59 26.28 -3.71
C ALA A 218 -26.04 27.24 -4.75
N THR A 219 -24.77 27.06 -5.09
CA THR A 219 -24.10 27.91 -6.06
C THR A 219 -24.68 27.79 -7.47
N PRO A 220 -24.83 28.92 -8.17
CA PRO A 220 -25.37 28.90 -9.54
C PRO A 220 -24.34 28.27 -10.47
N LEU A 221 -24.78 27.84 -11.66
CA LEU A 221 -23.85 27.26 -12.62
C LEU A 221 -23.22 28.38 -13.43
N PHE A 222 -22.39 29.17 -12.78
CA PHE A 222 -21.71 30.29 -13.43
C PHE A 222 -20.79 29.82 -14.56
N THR A 223 -20.72 30.64 -15.61
CA THR A 223 -19.88 30.34 -16.77
C THR A 223 -18.50 30.95 -16.57
N THR A 224 -17.53 30.51 -17.36
CA THR A 224 -16.18 31.03 -17.24
C THR A 224 -16.15 32.56 -17.49
N ASP A 225 -16.96 33.03 -18.43
CA ASP A 225 -17.00 34.48 -18.71
C ASP A 225 -17.56 35.24 -17.51
N GLU A 226 -18.59 34.69 -16.88
CA GLU A 226 -19.17 35.35 -15.72
C GLU A 226 -18.16 35.39 -14.57
N LEU A 227 -17.49 34.26 -14.33
CA LEU A 227 -16.50 34.17 -13.26
C LEU A 227 -15.33 35.12 -13.51
N ARG A 228 -14.93 35.25 -14.78
CA ARG A 228 -13.84 36.17 -15.09
C ARG A 228 -14.25 37.58 -14.73
N SER A 229 -15.53 37.89 -14.92
CA SER A 229 -16.03 39.23 -14.61
C SER A 229 -16.08 39.43 -13.09
N ALA A 230 -15.96 38.32 -12.35
CA ALA A 230 -16.00 38.36 -10.89
C ALA A 230 -14.63 38.27 -10.22
N HIS A 231 -13.57 38.40 -11.02
CA HIS A 231 -12.21 38.34 -10.49
C HIS A 231 -11.86 36.95 -9.97
N VAL A 232 -12.58 35.94 -10.42
CA VAL A 232 -12.32 34.57 -9.96
C VAL A 232 -11.17 33.97 -10.75
N ALA A 233 -10.19 33.43 -10.05
CA ALA A 233 -9.00 32.86 -10.69
C ALA A 233 -9.12 31.39 -11.09
N MET A 234 -9.97 30.63 -10.40
CA MET A 234 -10.14 29.20 -10.72
C MET A 234 -11.60 28.78 -10.66
N ALA A 235 -11.99 27.94 -11.61
CA ALA A 235 -13.35 27.41 -11.66
C ALA A 235 -13.20 25.91 -11.43
N LEU A 236 -13.77 25.41 -10.34
CA LEU A 236 -13.68 24.00 -9.98
C LEU A 236 -14.97 23.24 -10.25
N TYR A 237 -14.84 22.05 -10.85
CA TYR A 237 -15.97 21.18 -11.15
C TYR A 237 -15.51 19.84 -10.58
N PRO A 238 -15.64 19.69 -9.26
CA PRO A 238 -15.25 18.52 -8.46
C PRO A 238 -15.71 17.10 -8.78
N LEU A 239 -16.96 16.91 -9.20
CA LEU A 239 -17.44 15.56 -9.47
C LEU A 239 -18.26 15.39 -10.74
N SER A 240 -18.29 16.44 -11.55
CA SER A 240 -19.05 16.46 -12.80
C SER A 240 -18.97 15.19 -13.65
N ALA A 241 -17.77 14.80 -14.08
CA ALA A 241 -17.60 13.60 -14.91
C ALA A 241 -18.05 12.35 -14.15
N PHE A 242 -17.67 12.30 -12.86
CA PHE A 242 -18.01 11.17 -11.98
C PHE A 242 -19.53 10.95 -11.99
N ARG A 243 -20.29 12.05 -11.87
CA ARG A 243 -21.75 11.96 -11.84
C ARG A 243 -22.30 11.34 -13.11
N ALA A 244 -21.75 11.75 -14.25
CA ALA A 244 -22.20 11.23 -15.53
C ALA A 244 -21.79 9.77 -15.71
N MET A 245 -20.61 9.40 -15.22
CA MET A 245 -20.14 8.02 -15.36
C MET A 245 -21.00 7.04 -14.57
N ASN A 246 -21.42 7.46 -13.38
CA ASN A 246 -22.26 6.61 -12.51
C ASN A 246 -23.59 6.29 -13.14
N ARG A 247 -24.24 7.31 -13.69
CA ARG A 247 -25.54 7.12 -14.35
C ARG A 247 -25.38 6.17 -15.54
N ALA A 248 -24.34 6.37 -16.34
CA ALA A 248 -24.09 5.53 -17.50
C ALA A 248 -23.86 4.09 -17.07
N ALA A 249 -23.04 3.90 -16.04
CA ALA A 249 -22.76 2.55 -15.54
C ALA A 249 -24.03 1.90 -15.01
N GLU A 250 -24.83 2.67 -14.28
CA GLU A 250 -26.06 2.13 -13.73
C GLU A 250 -26.99 1.67 -14.86
N LYS A 251 -27.00 2.44 -15.96
CA LYS A 251 -27.82 2.11 -17.11
C LYS A 251 -27.41 0.77 -17.70
N VAL A 252 -26.11 0.54 -17.82
CA VAL A 252 -25.62 -0.72 -18.37
C VAL A 252 -26.00 -1.88 -17.47
N TYR A 253 -25.73 -1.75 -16.17
CA TYR A 253 -26.07 -2.80 -15.21
C TYR A 253 -27.55 -3.16 -15.26
N THR A 254 -28.41 -2.14 -15.25
CA THR A 254 -29.86 -2.34 -15.26
C THR A 254 -30.37 -3.03 -16.52
N VAL A 255 -30.05 -2.48 -17.69
CA VAL A 255 -30.49 -3.07 -18.94
C VAL A 255 -29.99 -4.51 -19.08
N LEU A 256 -28.72 -4.71 -18.77
CA LEU A 256 -28.12 -6.03 -18.87
C LEU A 256 -28.82 -7.06 -17.97
N ARG A 257 -29.11 -6.68 -16.73
CA ARG A 257 -29.74 -7.59 -15.81
C ARG A 257 -31.17 -7.89 -16.26
N GLN A 258 -31.86 -6.86 -16.74
CA GLN A 258 -33.24 -6.99 -17.19
C GLN A 258 -33.41 -7.76 -18.50
N GLU A 259 -32.52 -7.53 -19.47
CA GLU A 259 -32.65 -8.18 -20.77
C GLU A 259 -31.80 -9.42 -21.00
N GLY A 260 -30.88 -9.71 -20.08
CA GLY A 260 -30.03 -10.89 -20.25
C GLY A 260 -29.00 -10.72 -21.36
N THR A 261 -28.78 -9.49 -21.78
CA THR A 261 -27.81 -9.15 -22.81
C THR A 261 -27.56 -7.66 -22.76
N GLN A 262 -26.40 -7.21 -23.22
CA GLN A 262 -26.08 -5.78 -23.20
C GLN A 262 -26.20 -5.16 -24.60
N LYS A 263 -26.74 -5.92 -25.54
CA LYS A 263 -26.89 -5.45 -26.92
C LYS A 263 -27.46 -4.05 -27.04
N ASN A 264 -28.48 -3.74 -26.23
CA ASN A 264 -29.12 -2.44 -26.32
C ASN A 264 -28.45 -1.26 -25.62
N VAL A 265 -27.23 -1.45 -25.12
CA VAL A 265 -26.50 -0.34 -24.50
C VAL A 265 -25.10 -0.23 -25.13
N ILE A 266 -24.85 -1.04 -26.15
CA ILE A 266 -23.59 -1.02 -26.85
C ILE A 266 -23.38 0.41 -27.37
N ASP A 267 -24.48 1.02 -27.81
CA ASP A 267 -24.47 2.37 -28.36
C ASP A 267 -23.94 3.46 -27.44
N ILE A 268 -24.00 3.27 -26.12
CA ILE A 268 -23.49 4.29 -25.21
C ILE A 268 -22.13 3.91 -24.61
N MET A 269 -21.48 2.91 -25.21
CA MET A 269 -20.18 2.46 -24.73
C MET A 269 -18.98 2.99 -25.50
N GLN A 270 -17.93 3.31 -24.76
CA GLN A 270 -16.67 3.75 -25.36
C GLN A 270 -16.16 2.45 -26.00
N THR A 271 -15.73 2.49 -27.27
CA THR A 271 -15.25 1.28 -27.92
C THR A 271 -13.84 0.89 -27.46
N ARG A 272 -13.40 -0.31 -27.79
CA ARG A 272 -12.07 -0.75 -27.40
C ARG A 272 -11.02 0.15 -28.05
N ASN A 273 -11.23 0.49 -29.32
CA ASN A 273 -10.30 1.37 -30.04
C ASN A 273 -10.18 2.71 -29.32
N GLU A 274 -11.31 3.26 -28.90
CA GLU A 274 -11.29 4.54 -28.19
C GLU A 274 -10.53 4.40 -26.87
N LEU A 275 -10.77 3.30 -26.15
CA LEU A 275 -10.11 3.06 -24.88
C LEU A 275 -8.60 3.00 -25.13
N TYR A 276 -8.19 2.13 -26.05
CA TYR A 276 -6.78 1.98 -26.38
C TYR A 276 -6.14 3.31 -26.73
N GLU A 277 -6.84 4.09 -27.56
CA GLU A 277 -6.34 5.39 -27.97
C GLU A 277 -6.15 6.35 -26.80
N SER A 278 -7.13 6.38 -25.88
CA SER A 278 -7.07 7.29 -24.74
C SER A 278 -5.90 7.01 -23.78
N ILE A 279 -5.44 5.76 -23.74
CA ILE A 279 -4.33 5.41 -22.86
C ILE A 279 -3.02 5.14 -23.62
N ASN A 280 -2.96 5.59 -24.87
CA ASN A 280 -1.76 5.44 -25.70
C ASN A 280 -1.26 4.01 -25.80
N TYR A 281 -2.19 3.08 -25.97
CA TYR A 281 -1.88 1.67 -26.06
C TYR A 281 -0.73 1.36 -27.03
N TYR A 282 -0.85 1.86 -28.26
CA TYR A 282 0.17 1.58 -29.26
C TYR A 282 1.56 2.16 -29.01
N GLN A 283 1.64 3.26 -28.26
CA GLN A 283 2.94 3.82 -27.95
C GLN A 283 3.68 2.88 -27.00
N PHE A 284 2.94 2.22 -26.11
CA PHE A 284 3.54 1.28 -25.18
C PHE A 284 3.90 -0.01 -25.91
N GLU A 285 2.99 -0.48 -26.76
CA GLU A 285 3.26 -1.70 -27.50
C GLU A 285 4.47 -1.50 -28.42
N GLU A 286 4.71 -0.25 -28.80
CA GLU A 286 5.84 0.05 -29.67
C GLU A 286 7.11 -0.21 -28.88
N LYS A 287 7.08 0.09 -27.59
CA LYS A 287 8.22 -0.12 -26.72
C LYS A 287 8.37 -1.61 -26.42
N LEU A 288 7.24 -2.26 -26.15
CA LEU A 288 7.24 -3.69 -25.85
C LEU A 288 7.79 -4.44 -27.05
N SER B 7 -17.99 -17.78 3.96
CA SER B 7 -16.73 -17.33 3.31
C SER B 7 -17.02 -16.83 1.89
N PRO B 8 -16.16 -15.96 1.36
CA PRO B 8 -16.41 -15.46 0.00
C PRO B 8 -16.52 -16.60 -1.01
N GLY B 9 -15.62 -17.58 -0.88
CA GLY B 9 -15.66 -18.71 -1.79
C GLY B 9 -17.01 -19.39 -1.73
N GLN B 10 -17.53 -19.59 -0.51
CA GLN B 10 -18.84 -20.22 -0.36
C GLN B 10 -19.91 -19.37 -1.05
N ALA B 11 -19.85 -18.05 -0.83
CA ALA B 11 -20.82 -17.13 -1.42
C ALA B 11 -20.81 -17.22 -2.95
N PHE B 12 -19.62 -17.33 -3.52
CA PHE B 12 -19.50 -17.44 -4.98
C PHE B 12 -20.18 -18.71 -5.48
N ARG B 13 -19.80 -19.84 -4.88
CA ARG B 13 -20.40 -21.12 -5.28
C ARG B 13 -21.91 -21.11 -5.00
N ALA B 14 -22.33 -20.38 -3.99
CA ALA B 14 -23.75 -20.29 -3.66
C ALA B 14 -24.47 -19.55 -4.79
N ALA B 15 -23.88 -18.46 -5.26
CA ALA B 15 -24.46 -17.67 -6.36
C ALA B 15 -24.55 -18.54 -7.61
N LEU B 16 -23.50 -19.32 -7.84
CA LEU B 16 -23.44 -20.20 -9.00
C LEU B 16 -24.54 -21.27 -8.94
N ALA B 17 -24.73 -21.83 -7.76
CA ALA B 17 -25.74 -22.86 -7.58
C ALA B 17 -27.17 -22.33 -7.70
N LYS B 18 -27.35 -21.03 -7.51
CA LYS B 18 -28.68 -20.44 -7.56
C LYS B 18 -29.05 -19.67 -8.84
N GLU B 19 -28.09 -19.46 -9.74
CA GLU B 19 -28.37 -18.74 -10.98
C GLU B 19 -27.71 -19.48 -12.15
N ASN B 20 -28.45 -19.64 -13.24
CA ASN B 20 -27.93 -20.36 -14.39
C ASN B 20 -28.36 -19.81 -15.74
N PRO B 21 -27.42 -19.21 -16.48
CA PRO B 21 -26.03 -19.06 -16.03
C PRO B 21 -25.91 -17.90 -15.04
N LEU B 22 -24.83 -17.89 -14.27
CA LEU B 22 -24.60 -16.83 -13.31
C LEU B 22 -24.01 -15.62 -14.04
N GLN B 23 -24.69 -14.49 -13.96
CA GLN B 23 -24.20 -13.28 -14.59
C GLN B 23 -23.18 -12.66 -13.62
N ILE B 24 -21.96 -12.47 -14.09
CA ILE B 24 -20.89 -11.88 -13.29
C ILE B 24 -20.48 -10.61 -14.03
N VAL B 25 -20.74 -9.45 -13.42
CA VAL B 25 -20.37 -8.19 -14.06
C VAL B 25 -19.16 -7.52 -13.42
N GLY B 26 -18.32 -6.94 -14.27
CA GLY B 26 -17.17 -6.27 -13.73
C GLY B 26 -17.59 -5.00 -13.02
N ALA B 27 -16.83 -4.63 -11.99
CA ALA B 27 -17.07 -3.40 -11.24
C ALA B 27 -15.68 -2.76 -11.17
N ILE B 28 -15.54 -1.58 -11.76
CA ILE B 28 -14.25 -0.89 -11.82
C ILE B 28 -13.77 -0.33 -10.46
N ASN B 29 -14.71 -0.12 -9.54
CA ASN B 29 -14.37 0.39 -8.22
C ASN B 29 -15.51 0.07 -7.23
N ALA B 30 -15.27 0.36 -5.95
CA ALA B 30 -16.25 0.08 -4.91
C ALA B 30 -17.65 0.62 -5.22
N ASN B 31 -17.72 1.87 -5.66
CA ASN B 31 -19.00 2.48 -5.99
C ASN B 31 -19.81 1.65 -6.98
N HIS B 32 -19.20 1.27 -8.09
CA HIS B 32 -19.90 0.49 -9.10
C HIS B 32 -20.25 -0.92 -8.61
N ALA B 33 -19.49 -1.41 -7.63
CA ALA B 33 -19.76 -2.72 -7.05
C ALA B 33 -21.12 -2.59 -6.35
N LEU B 34 -21.34 -1.46 -5.69
CA LEU B 34 -22.60 -1.21 -5.01
C LEU B 34 -23.73 -1.01 -6.02
N LEU B 35 -23.42 -0.41 -7.17
CA LEU B 35 -24.46 -0.20 -8.18
C LEU B 35 -24.89 -1.54 -8.75
N ALA B 36 -23.91 -2.42 -8.95
CA ALA B 36 -24.20 -3.75 -9.49
C ALA B 36 -25.08 -4.49 -8.48
N GLN B 37 -24.69 -4.42 -7.21
CA GLN B 37 -25.46 -5.09 -6.16
C GLN B 37 -26.90 -4.59 -6.15
N ARG B 38 -27.06 -3.27 -6.27
CA ARG B 38 -28.39 -2.67 -6.27
C ARG B 38 -29.18 -3.10 -7.50
N ALA B 39 -28.49 -3.32 -8.62
CA ALA B 39 -29.17 -3.76 -9.83
C ALA B 39 -29.61 -5.21 -9.72
N GLY B 40 -29.13 -5.94 -8.71
CA GLY B 40 -29.56 -7.32 -8.52
C GLY B 40 -28.56 -8.43 -8.81
N TYR B 41 -27.36 -8.10 -9.24
CA TYR B 41 -26.35 -9.13 -9.52
C TYR B 41 -25.91 -9.84 -8.25
N GLN B 42 -25.55 -11.12 -8.38
CA GLN B 42 -25.13 -11.94 -7.24
C GLN B 42 -23.63 -12.18 -7.18
N ALA B 43 -22.91 -11.73 -8.20
CA ALA B 43 -21.46 -11.90 -8.25
C ALA B 43 -20.89 -10.80 -9.12
N ILE B 44 -19.69 -10.34 -8.78
CA ILE B 44 -19.02 -9.28 -9.53
C ILE B 44 -17.61 -9.68 -9.91
N TYR B 45 -16.98 -8.88 -10.76
CA TYR B 45 -15.66 -9.19 -11.30
C TYR B 45 -14.69 -8.02 -11.25
N LEU B 46 -13.41 -8.34 -11.03
CA LEU B 46 -12.36 -7.33 -11.02
C LEU B 46 -11.48 -7.64 -12.22
N SER B 47 -11.69 -6.89 -13.29
CA SER B 47 -10.95 -7.05 -14.54
C SER B 47 -9.50 -6.59 -14.43
N GLY B 48 -8.59 -7.44 -14.89
CA GLY B 48 -7.17 -7.08 -14.86
C GLY B 48 -6.92 -5.92 -15.80
N GLY B 49 -7.59 -5.94 -16.95
CA GLY B 49 -7.44 -4.87 -17.91
C GLY B 49 -8.07 -3.60 -17.37
N GLY B 50 -9.04 -3.76 -16.47
CA GLY B 50 -9.70 -2.59 -15.89
C GLY B 50 -8.84 -1.94 -14.82
N VAL B 51 -8.07 -2.74 -14.10
CA VAL B 51 -7.20 -2.21 -13.06
C VAL B 51 -6.13 -1.38 -13.76
N ALA B 52 -5.61 -1.89 -14.87
CA ALA B 52 -4.58 -1.18 -15.62
C ALA B 52 -5.10 0.09 -16.30
N ALA B 53 -6.15 -0.06 -17.12
CA ALA B 53 -6.71 1.05 -17.86
C ALA B 53 -7.49 2.06 -17.00
N GLY B 54 -8.26 1.55 -16.05
CA GLY B 54 -9.07 2.41 -15.20
C GLY B 54 -8.34 2.98 -13.98
N SER B 55 -7.82 2.11 -13.12
CA SER B 55 -7.11 2.56 -11.93
C SER B 55 -5.73 3.15 -12.19
N LEU B 56 -5.04 2.64 -13.21
CA LEU B 56 -3.69 3.12 -13.51
C LEU B 56 -3.57 3.97 -14.77
N GLY B 57 -4.60 3.94 -15.62
CA GLY B 57 -4.57 4.69 -16.85
C GLY B 57 -3.51 4.15 -17.79
N LEU B 58 -3.23 2.86 -17.69
CA LEU B 58 -2.22 2.21 -18.52
C LEU B 58 -2.79 1.05 -19.35
N PRO B 59 -2.16 0.73 -20.49
CA PRO B 59 -2.65 -0.38 -21.30
C PRO B 59 -2.43 -1.70 -20.56
N ASP B 60 -3.21 -2.71 -20.93
CA ASP B 60 -3.12 -4.02 -20.31
C ASP B 60 -1.94 -4.79 -20.91
N LEU B 61 -0.73 -4.31 -20.64
CA LEU B 61 0.47 -4.95 -21.18
C LEU B 61 1.49 -5.37 -20.11
N GLY B 62 0.99 -5.82 -18.96
CA GLY B 62 1.87 -6.27 -17.91
C GLY B 62 2.56 -5.15 -17.12
N ILE B 63 1.89 -4.01 -16.99
CA ILE B 63 2.48 -2.89 -16.26
C ILE B 63 1.92 -2.81 -14.84
N SER B 64 0.65 -3.20 -14.67
CA SER B 64 0.01 -3.19 -13.36
C SER B 64 0.66 -4.26 -12.51
N THR B 65 0.64 -4.06 -11.18
CA THR B 65 1.24 -5.01 -10.26
C THR B 65 0.21 -5.66 -9.36
N LEU B 66 0.61 -6.69 -8.63
CA LEU B 66 -0.30 -7.36 -7.73
C LEU B 66 -0.85 -6.35 -6.71
N ASP B 67 -0.01 -5.43 -6.25
CA ASP B 67 -0.44 -4.43 -5.28
C ASP B 67 -1.58 -3.55 -5.79
N ASP B 68 -1.54 -3.22 -7.08
CA ASP B 68 -2.59 -2.39 -7.67
C ASP B 68 -3.91 -3.16 -7.57
N VAL B 69 -3.86 -4.44 -7.92
CA VAL B 69 -5.04 -5.30 -7.89
C VAL B 69 -5.56 -5.48 -6.46
N LEU B 70 -4.67 -5.76 -5.52
CA LEU B 70 -5.06 -5.97 -4.13
C LEU B 70 -5.80 -4.76 -3.56
N THR B 71 -5.29 -3.56 -3.83
CA THR B 71 -5.93 -2.36 -3.34
C THR B 71 -7.39 -2.30 -3.81
N ASP B 72 -7.62 -2.57 -5.08
CA ASP B 72 -8.98 -2.54 -5.62
C ASP B 72 -9.85 -3.63 -5.00
N ILE B 73 -9.24 -4.78 -4.69
CA ILE B 73 -10.00 -5.87 -4.09
C ILE B 73 -10.47 -5.46 -2.70
N ARG B 74 -9.56 -4.89 -1.92
CA ARG B 74 -9.91 -4.46 -0.56
C ARG B 74 -10.96 -3.36 -0.58
N ARG B 75 -10.79 -2.38 -1.46
CA ARG B 75 -11.75 -1.28 -1.55
C ARG B 75 -13.14 -1.81 -1.86
N ILE B 76 -13.24 -2.68 -2.85
CA ILE B 76 -14.51 -3.24 -3.24
C ILE B 76 -15.13 -4.17 -2.20
N THR B 77 -14.38 -5.17 -1.75
CA THR B 77 -14.90 -6.14 -0.80
C THR B 77 -15.11 -5.62 0.62
N ASP B 78 -14.48 -4.50 0.97
CA ASP B 78 -14.65 -3.93 2.30
C ASP B 78 -16.05 -3.35 2.45
N VAL B 79 -16.63 -2.90 1.35
CA VAL B 79 -17.96 -2.31 1.41
C VAL B 79 -19.05 -3.12 0.72
N CYS B 80 -18.66 -3.97 -0.24
CA CYS B 80 -19.63 -4.79 -0.96
C CYS B 80 -19.44 -6.26 -0.62
N PRO B 81 -20.49 -6.92 -0.12
CA PRO B 81 -20.37 -8.34 0.24
C PRO B 81 -20.57 -9.33 -0.91
N LEU B 82 -20.81 -8.85 -2.12
CA LEU B 82 -20.99 -9.78 -3.24
C LEU B 82 -19.68 -10.51 -3.50
N PRO B 83 -19.74 -11.82 -3.80
CA PRO B 83 -18.50 -12.56 -4.07
C PRO B 83 -17.77 -11.95 -5.27
N LEU B 84 -16.45 -11.77 -5.14
CA LEU B 84 -15.66 -11.16 -6.21
C LEU B 84 -14.67 -12.10 -6.90
N LEU B 85 -14.83 -12.24 -8.21
CA LEU B 85 -13.94 -13.07 -9.02
C LEU B 85 -12.83 -12.14 -9.50
N VAL B 86 -11.59 -12.53 -9.26
CA VAL B 86 -10.45 -11.71 -9.63
C VAL B 86 -9.58 -12.24 -10.76
N ASP B 87 -9.17 -11.32 -11.64
CA ASP B 87 -8.29 -11.63 -12.77
C ASP B 87 -6.89 -11.59 -12.17
N ALA B 88 -6.29 -12.77 -11.95
CA ALA B 88 -4.95 -12.82 -11.37
C ALA B 88 -3.89 -12.98 -12.45
N ASP B 89 -4.26 -12.69 -13.70
N ASP B 89 -4.26 -12.69 -13.70
CA ASP B 89 -3.33 -12.80 -14.82
CA ASP B 89 -3.33 -12.80 -14.82
C ASP B 89 -2.61 -14.15 -14.76
C ASP B 89 -2.61 -14.15 -14.76
N ILE B 90 -1.28 -14.17 -14.79
CA ILE B 90 -0.56 -15.44 -14.71
C ILE B 90 0.03 -15.71 -13.31
N GLY B 91 -0.39 -14.92 -12.33
CA GLY B 91 0.12 -15.11 -10.99
C GLY B 91 1.13 -14.06 -10.56
N PHE B 92 1.33 -13.07 -11.43
CA PHE B 92 2.26 -11.97 -11.17
C PHE B 92 3.66 -12.44 -10.79
N GLY B 93 4.16 -13.40 -11.56
CA GLY B 93 5.49 -13.95 -11.32
C GLY B 93 5.68 -15.24 -12.09
N SER B 94 6.92 -15.69 -12.21
CA SER B 94 7.23 -16.91 -12.94
C SER B 94 7.22 -18.16 -12.08
N SER B 95 7.81 -18.09 -10.90
CA SER B 95 7.88 -19.26 -10.03
C SER B 95 6.58 -19.57 -9.32
N ALA B 96 6.48 -20.81 -8.83
CA ALA B 96 5.30 -21.25 -8.10
C ALA B 96 5.19 -20.42 -6.83
N PHE B 97 6.32 -19.85 -6.40
CA PHE B 97 6.38 -19.01 -5.20
C PHE B 97 5.55 -17.76 -5.44
N ASN B 98 5.68 -17.19 -6.63
CA ASN B 98 4.93 -15.98 -6.98
C ASN B 98 3.45 -16.30 -7.02
N VAL B 99 3.09 -17.38 -7.70
CA VAL B 99 1.70 -17.81 -7.80
C VAL B 99 1.11 -18.06 -6.41
N ALA B 100 1.91 -18.70 -5.55
CA ALA B 100 1.48 -18.98 -4.18
C ALA B 100 1.20 -17.69 -3.41
N ARG B 101 2.17 -16.78 -3.40
CA ARG B 101 2.00 -15.51 -2.71
C ARG B 101 0.83 -14.71 -3.26
N THR B 102 0.63 -14.78 -4.58
CA THR B 102 -0.46 -14.07 -5.23
C THR B 102 -1.81 -14.63 -4.81
N VAL B 103 -1.95 -15.95 -4.87
CA VAL B 103 -3.21 -16.60 -4.48
C VAL B 103 -3.60 -16.30 -3.03
N LYS B 104 -2.67 -16.44 -2.09
CA LYS B 104 -2.99 -16.18 -0.70
C LYS B 104 -3.37 -14.71 -0.49
N SER B 105 -2.57 -13.80 -1.05
CA SER B 105 -2.82 -12.36 -0.92
C SER B 105 -4.19 -11.95 -1.45
N ILE B 106 -4.55 -12.44 -2.64
CA ILE B 106 -5.83 -12.11 -3.25
C ILE B 106 -7.00 -12.63 -2.39
N ALA B 107 -6.88 -13.84 -1.87
CA ALA B 107 -7.92 -14.40 -1.03
C ALA B 107 -8.00 -13.57 0.25
N LYS B 108 -6.83 -13.24 0.81
CA LYS B 108 -6.77 -12.47 2.03
C LYS B 108 -7.42 -11.09 1.85
N ALA B 109 -7.19 -10.46 0.71
CA ALA B 109 -7.77 -9.14 0.43
C ALA B 109 -9.29 -9.19 0.38
N GLY B 110 -9.86 -10.40 0.31
CA GLY B 110 -11.30 -10.52 0.29
C GLY B 110 -11.96 -11.12 -0.94
N ALA B 111 -11.17 -11.56 -1.91
CA ALA B 111 -11.72 -12.15 -3.13
C ALA B 111 -12.38 -13.51 -2.87
N ALA B 112 -13.37 -13.85 -3.69
CA ALA B 112 -14.06 -15.13 -3.55
C ALA B 112 -13.51 -16.16 -4.54
N ALA B 113 -12.87 -15.65 -5.59
CA ALA B 113 -12.31 -16.54 -6.61
C ALA B 113 -11.35 -15.79 -7.49
N LEU B 114 -10.51 -16.53 -8.21
CA LEU B 114 -9.59 -15.89 -9.13
C LEU B 114 -9.35 -16.81 -10.31
N HIS B 115 -8.92 -16.25 -11.43
CA HIS B 115 -8.60 -17.09 -12.57
C HIS B 115 -7.17 -16.79 -12.96
N ILE B 116 -6.46 -17.84 -13.34
CA ILE B 116 -5.07 -17.74 -13.74
C ILE B 116 -5.02 -18.31 -15.16
N GLU B 117 -4.17 -17.75 -16.01
CA GLU B 117 -4.10 -18.17 -17.41
C GLU B 117 -2.78 -18.75 -17.87
N ASP B 118 -2.80 -19.41 -19.03
CA ASP B 118 -1.59 -20.03 -19.55
C ASP B 118 -0.75 -19.16 -20.48
N GLN B 119 -1.05 -17.86 -20.52
CA GLN B 119 -0.28 -16.93 -21.35
C GLN B 119 1.19 -16.98 -20.92
N VAL B 120 2.07 -16.52 -21.80
CA VAL B 120 3.50 -16.50 -21.50
C VAL B 120 3.87 -15.18 -20.85
N ALA B 132 1.48 -15.84 -27.40
CA ALA B 132 1.83 -17.23 -27.20
C ALA B 132 1.45 -17.68 -25.80
N ILE B 133 1.51 -18.99 -25.56
CA ILE B 133 1.16 -19.54 -24.26
C ILE B 133 2.19 -20.56 -23.81
N VAL B 134 2.18 -20.89 -22.52
CA VAL B 134 3.11 -21.85 -21.96
C VAL B 134 2.66 -23.25 -22.29
N SER B 135 3.55 -24.22 -22.13
CA SER B 135 3.22 -25.61 -22.41
C SER B 135 2.14 -26.08 -21.44
N LYS B 136 1.47 -27.16 -21.79
CA LYS B 136 0.43 -27.72 -20.94
C LYS B 136 1.03 -28.02 -19.58
N GLU B 137 2.24 -28.55 -19.57
CA GLU B 137 2.95 -28.90 -18.35
C GLU B 137 3.18 -27.70 -17.45
N GLU B 138 3.65 -26.60 -18.03
CA GLU B 138 3.91 -25.39 -17.24
C GLU B 138 2.63 -24.88 -16.58
N MET B 139 1.52 -24.88 -17.30
CA MET B 139 0.26 -24.41 -16.73
C MET B 139 -0.21 -25.36 -15.63
N VAL B 140 0.01 -26.66 -15.83
CA VAL B 140 -0.38 -27.64 -14.83
C VAL B 140 0.33 -27.32 -13.51
N ASP B 141 1.60 -26.93 -13.61
CA ASP B 141 2.36 -26.58 -12.42
C ASP B 141 1.82 -25.32 -11.75
N ARG B 142 1.46 -24.32 -12.55
CA ARG B 142 0.93 -23.07 -11.99
C ARG B 142 -0.35 -23.38 -11.23
N ILE B 143 -1.23 -24.17 -11.86
CA ILE B 143 -2.50 -24.54 -11.25
C ILE B 143 -2.29 -25.31 -9.94
N ARG B 144 -1.37 -26.28 -9.96
CA ARG B 144 -1.10 -27.05 -8.76
C ARG B 144 -0.59 -26.12 -7.67
N ALA B 145 0.32 -25.22 -8.03
CA ALA B 145 0.87 -24.27 -7.08
C ALA B 145 -0.26 -23.41 -6.47
N ALA B 146 -1.20 -23.00 -7.32
CA ALA B 146 -2.32 -22.18 -6.87
C ALA B 146 -3.22 -22.98 -5.93
N VAL B 147 -3.58 -24.20 -6.34
CA VAL B 147 -4.43 -25.06 -5.53
C VAL B 147 -3.78 -25.37 -4.19
N ASP B 148 -2.45 -25.58 -4.22
CA ASP B 148 -1.71 -25.88 -3.01
C ASP B 148 -1.63 -24.69 -2.05
N ALA B 149 -1.59 -23.49 -2.60
CA ALA B 149 -1.51 -22.28 -1.79
C ALA B 149 -2.84 -21.94 -1.13
N ARG B 150 -3.93 -22.35 -1.77
CA ARG B 150 -5.28 -22.09 -1.25
C ARG B 150 -5.48 -22.78 0.10
N THR B 151 -6.13 -22.08 1.03
CA THR B 151 -6.39 -22.65 2.35
C THR B 151 -7.85 -23.08 2.48
N ASP B 152 -8.76 -22.25 1.96
CA ASP B 152 -10.17 -22.55 1.99
C ASP B 152 -10.55 -23.21 0.67
N PRO B 153 -10.87 -24.52 0.70
CA PRO B 153 -11.23 -25.25 -0.53
C PRO B 153 -12.39 -24.61 -1.30
N ASN B 154 -13.19 -23.81 -0.61
CA ASN B 154 -14.30 -23.16 -1.29
C ASN B 154 -13.85 -21.99 -2.16
N PHE B 155 -12.63 -21.51 -1.94
CA PHE B 155 -12.08 -20.42 -2.75
C PHE B 155 -11.84 -21.01 -4.14
N VAL B 156 -12.43 -20.40 -5.16
CA VAL B 156 -12.33 -20.91 -6.51
C VAL B 156 -11.09 -20.57 -7.31
N ILE B 157 -10.47 -21.61 -7.88
CA ILE B 157 -9.29 -21.44 -8.73
C ILE B 157 -9.77 -21.79 -10.14
N MET B 158 -9.88 -20.77 -10.98
CA MET B 158 -10.35 -20.93 -12.36
C MET B 158 -9.16 -20.87 -13.33
N ALA B 159 -9.16 -21.75 -14.32
CA ALA B 159 -8.09 -21.75 -15.32
C ALA B 159 -8.58 -21.10 -16.60
N ARG B 160 -7.90 -20.05 -17.02
CA ARG B 160 -8.25 -19.33 -18.25
C ARG B 160 -7.26 -19.79 -19.32
N THR B 161 -7.77 -20.09 -20.52
CA THR B 161 -6.89 -20.54 -21.59
C THR B 161 -7.27 -19.98 -22.96
N ASP B 162 -6.26 -19.54 -23.71
CA ASP B 162 -6.46 -19.01 -25.04
C ASP B 162 -5.95 -20.02 -26.06
N ALA B 163 -5.89 -21.29 -25.64
CA ALA B 163 -5.39 -22.37 -26.52
C ALA B 163 -6.20 -22.59 -27.79
N LEU B 164 -7.52 -22.40 -27.72
CA LEU B 164 -8.33 -22.61 -28.90
C LEU B 164 -7.80 -21.75 -30.04
N ALA B 165 -7.62 -20.47 -29.79
CA ALA B 165 -7.12 -19.54 -30.79
C ALA B 165 -5.64 -19.71 -31.11
N VAL B 166 -4.82 -20.00 -30.10
CA VAL B 166 -3.39 -20.14 -30.34
C VAL B 166 -2.93 -21.50 -30.85
N GLU B 167 -3.57 -22.58 -30.40
CA GLU B 167 -3.15 -23.92 -30.82
C GLU B 167 -4.22 -24.77 -31.51
N GLY B 168 -5.49 -24.45 -31.31
CA GLY B 168 -6.55 -25.22 -31.94
C GLY B 168 -7.41 -26.03 -30.98
N LEU B 169 -8.51 -26.57 -31.49
CA LEU B 169 -9.47 -27.36 -30.70
C LEU B 169 -8.84 -28.51 -29.88
N GLU B 170 -8.14 -29.40 -30.56
CA GLU B 170 -7.49 -30.53 -29.89
C GLU B 170 -6.65 -30.05 -28.72
N ALA B 171 -5.74 -29.12 -28.99
CA ALA B 171 -4.86 -28.59 -27.95
C ALA B 171 -5.65 -28.03 -26.77
N ALA B 172 -6.66 -27.23 -27.07
CA ALA B 172 -7.49 -26.63 -26.03
C ALA B 172 -8.18 -27.68 -25.15
N LEU B 173 -8.80 -28.67 -25.79
CA LEU B 173 -9.50 -29.71 -25.03
C LEU B 173 -8.56 -30.59 -24.23
N ASP B 174 -7.38 -30.84 -24.79
CA ASP B 174 -6.38 -31.66 -24.11
C ASP B 174 -5.92 -30.86 -22.88
N ARG B 175 -5.67 -29.58 -23.08
CA ARG B 175 -5.24 -28.72 -21.97
C ARG B 175 -6.35 -28.60 -20.94
N ALA B 176 -7.59 -28.45 -21.41
CA ALA B 176 -8.73 -28.32 -20.50
C ALA B 176 -8.77 -29.49 -19.54
N GLN B 177 -8.65 -30.70 -20.07
CA GLN B 177 -8.67 -31.90 -19.24
C GLN B 177 -7.51 -31.92 -18.26
N ALA B 178 -6.31 -31.59 -18.74
CA ALA B 178 -5.15 -31.56 -17.88
C ALA B 178 -5.32 -30.52 -16.76
N TYR B 179 -5.88 -29.37 -17.08
CA TYR B 179 -6.08 -28.30 -16.09
C TYR B 179 -7.03 -28.73 -14.97
N VAL B 180 -8.08 -29.46 -15.33
CA VAL B 180 -9.04 -29.93 -14.35
C VAL B 180 -8.37 -30.98 -13.46
N ASP B 181 -7.63 -31.91 -14.06
CA ASP B 181 -6.95 -32.93 -13.27
C ASP B 181 -5.96 -32.28 -12.32
N ALA B 182 -5.43 -31.12 -12.71
CA ALA B 182 -4.47 -30.39 -11.90
C ALA B 182 -5.14 -29.69 -10.71
N GLY B 183 -6.47 -29.66 -10.70
CA GLY B 183 -7.15 -29.03 -9.59
C GLY B 183 -8.01 -27.82 -9.90
N ALA B 184 -7.97 -27.31 -11.13
CA ALA B 184 -8.78 -26.15 -11.47
C ALA B 184 -10.25 -26.48 -11.26
N ASP B 185 -10.94 -25.63 -10.49
CA ASP B 185 -12.36 -25.84 -10.19
C ASP B 185 -13.30 -25.54 -11.36
N MET B 186 -12.91 -24.56 -12.17
CA MET B 186 -13.73 -24.14 -13.30
C MET B 186 -12.84 -23.76 -14.48
N LEU B 187 -13.45 -23.64 -15.66
CA LEU B 187 -12.69 -23.32 -16.87
C LEU B 187 -13.17 -22.05 -17.58
N PHE B 188 -12.22 -21.26 -18.04
CA PHE B 188 -12.47 -20.01 -18.76
C PHE B 188 -11.77 -20.12 -20.12
N PRO B 189 -12.41 -20.79 -21.09
CA PRO B 189 -11.85 -20.98 -22.45
C PRO B 189 -12.22 -19.80 -23.34
N GLU B 190 -11.23 -19.17 -23.95
CA GLU B 190 -11.47 -18.02 -24.81
C GLU B 190 -11.68 -18.30 -26.30
N ALA B 191 -12.15 -17.27 -27.00
CA ALA B 191 -12.36 -17.28 -28.43
C ALA B 191 -13.42 -18.21 -29.02
N ILE B 192 -14.28 -18.77 -28.19
CA ILE B 192 -15.33 -19.65 -28.70
C ILE B 192 -16.38 -18.78 -29.38
N THR B 193 -16.84 -19.17 -30.56
CA THR B 193 -17.83 -18.39 -31.28
C THR B 193 -19.14 -19.14 -31.53
N GLU B 194 -19.20 -20.41 -31.17
CA GLU B 194 -20.42 -21.20 -31.34
C GLU B 194 -20.88 -21.79 -30.02
N LEU B 195 -22.19 -21.73 -29.78
CA LEU B 195 -22.78 -22.27 -28.57
C LEU B 195 -22.51 -23.77 -28.53
N SER B 196 -22.49 -24.39 -29.70
CA SER B 196 -22.24 -25.82 -29.79
C SER B 196 -20.84 -26.16 -29.28
N MET B 197 -19.86 -25.29 -29.51
CA MET B 197 -18.52 -25.59 -29.03
C MET B 197 -18.41 -25.47 -27.51
N TYR B 198 -19.18 -24.56 -26.91
CA TYR B 198 -19.18 -24.40 -25.46
C TYR B 198 -19.65 -25.71 -24.84
N ARG B 199 -20.67 -26.33 -25.44
CA ARG B 199 -21.18 -27.60 -24.93
C ARG B 199 -20.10 -28.66 -24.94
N ARG B 200 -19.28 -28.65 -26.00
CA ARG B 200 -18.19 -29.60 -26.14
C ARG B 200 -17.19 -29.40 -25.00
N PHE B 201 -16.83 -28.15 -24.73
CA PHE B 201 -15.87 -27.87 -23.65
C PHE B 201 -16.46 -28.30 -22.30
N ALA B 202 -17.76 -28.08 -22.13
CA ALA B 202 -18.41 -28.47 -20.88
C ALA B 202 -18.41 -29.99 -20.71
N ASP B 203 -18.70 -30.71 -21.79
CA ASP B 203 -18.72 -32.17 -21.71
C ASP B 203 -17.34 -32.75 -21.44
N VAL B 204 -16.32 -32.17 -22.08
CA VAL B 204 -14.95 -32.66 -21.90
C VAL B 204 -14.33 -32.28 -20.54
N ALA B 205 -14.47 -31.02 -20.13
CA ALA B 205 -13.89 -30.56 -18.87
C ALA B 205 -14.62 -31.09 -17.63
N GLN B 206 -15.94 -31.17 -17.71
CA GLN B 206 -16.74 -31.64 -16.60
C GLN B 206 -16.67 -30.75 -15.36
N VAL B 207 -16.45 -29.45 -15.58
CA VAL B 207 -16.42 -28.46 -14.50
C VAL B 207 -17.14 -27.24 -15.06
N PRO B 208 -17.65 -26.36 -14.18
CA PRO B 208 -18.36 -25.15 -14.64
C PRO B 208 -17.54 -24.36 -15.68
N ILE B 209 -18.20 -23.99 -16.77
CA ILE B 209 -17.55 -23.23 -17.85
C ILE B 209 -17.99 -21.77 -17.84
N LEU B 210 -17.03 -20.86 -17.97
CA LEU B 210 -17.34 -19.43 -18.03
C LEU B 210 -17.22 -18.92 -19.47
N ALA B 211 -18.21 -18.17 -19.91
CA ALA B 211 -18.19 -17.58 -21.25
C ALA B 211 -17.98 -16.08 -21.10
N ASN B 212 -16.98 -15.56 -21.80
CA ASN B 212 -16.66 -14.15 -21.75
C ASN B 212 -17.47 -13.42 -22.83
N ILE B 213 -18.43 -12.61 -22.39
CA ILE B 213 -19.29 -11.88 -23.31
C ILE B 213 -18.88 -10.42 -23.41
N THR B 214 -17.57 -10.17 -23.48
CA THR B 214 -17.10 -8.79 -23.59
C THR B 214 -17.46 -8.22 -24.96
N GLU B 215 -17.53 -6.89 -25.04
CA GLU B 215 -17.87 -6.22 -26.29
C GLU B 215 -16.65 -5.92 -27.17
N PHE B 216 -16.94 -5.61 -28.43
CA PHE B 216 -15.93 -5.23 -29.42
C PHE B 216 -14.82 -6.24 -29.70
N GLY B 217 -15.15 -7.52 -29.54
CA GLY B 217 -14.18 -8.57 -29.80
C GLY B 217 -14.73 -9.43 -30.93
N ALA B 218 -14.16 -10.63 -31.11
CA ALA B 218 -14.62 -11.52 -32.16
C ALA B 218 -15.81 -12.38 -31.72
N THR B 219 -16.05 -12.45 -30.42
CA THR B 219 -17.13 -13.27 -29.91
C THR B 219 -18.49 -12.56 -29.92
N PRO B 220 -19.57 -13.32 -30.19
CA PRO B 220 -20.95 -12.84 -30.25
C PRO B 220 -21.50 -12.41 -28.90
N LEU B 221 -22.49 -11.53 -28.92
CA LEU B 221 -23.12 -11.07 -27.69
C LEU B 221 -24.27 -12.03 -27.36
N PHE B 222 -23.91 -13.24 -26.94
CA PHE B 222 -24.88 -14.27 -26.57
C PHE B 222 -25.74 -13.84 -25.39
N THR B 223 -27.00 -14.25 -25.40
CA THR B 223 -27.93 -13.94 -24.32
C THR B 223 -27.81 -15.01 -23.25
N THR B 224 -28.36 -14.75 -22.07
CA THR B 224 -28.30 -15.74 -21.00
C THR B 224 -29.05 -17.02 -21.39
N ASP B 225 -30.12 -16.90 -22.17
CA ASP B 225 -30.87 -18.08 -22.59
C ASP B 225 -30.03 -18.90 -23.58
N GLU B 226 -29.28 -18.22 -24.44
CA GLU B 226 -28.44 -18.92 -25.41
C GLU B 226 -27.33 -19.69 -24.67
N LEU B 227 -26.70 -19.03 -23.71
CA LEU B 227 -25.63 -19.65 -22.94
C LEU B 227 -26.15 -20.84 -22.14
N ARG B 228 -27.40 -20.75 -21.70
CA ARG B 228 -27.99 -21.85 -20.94
C ARG B 228 -28.10 -23.07 -21.86
N SER B 229 -28.52 -22.84 -23.10
CA SER B 229 -28.67 -23.93 -24.06
C SER B 229 -27.32 -24.56 -24.40
N ALA B 230 -26.25 -23.83 -24.11
CA ALA B 230 -24.90 -24.31 -24.39
C ALA B 230 -24.23 -24.90 -23.17
N HIS B 231 -24.98 -25.01 -22.07
CA HIS B 231 -24.45 -25.57 -20.82
C HIS B 231 -23.37 -24.68 -20.17
N VAL B 232 -23.43 -23.38 -20.45
CA VAL B 232 -22.48 -22.45 -19.88
C VAL B 232 -22.95 -22.13 -18.46
N ALA B 233 -22.03 -22.19 -17.50
CA ALA B 233 -22.37 -21.92 -16.09
C ALA B 233 -22.29 -20.46 -15.68
N MET B 234 -21.38 -19.70 -16.29
CA MET B 234 -21.19 -18.28 -15.98
C MET B 234 -21.06 -17.41 -17.22
N ALA B 235 -21.71 -16.25 -17.19
CA ALA B 235 -21.66 -15.28 -18.27
C ALA B 235 -20.88 -14.07 -17.73
N LEU B 236 -19.77 -13.73 -18.37
CA LEU B 236 -18.95 -12.62 -17.90
C LEU B 236 -19.04 -11.35 -18.75
N TYR B 237 -19.17 -10.21 -18.08
CA TYR B 237 -19.25 -8.92 -18.76
C TYR B 237 -18.22 -8.10 -18.00
N PRO B 238 -16.93 -8.32 -18.32
CA PRO B 238 -15.77 -7.67 -17.71
C PRO B 238 -15.61 -6.16 -17.60
N LEU B 239 -15.99 -5.40 -18.63
CA LEU B 239 -15.80 -3.95 -18.61
C LEU B 239 -17.01 -3.16 -19.10
N SER B 240 -18.11 -3.86 -19.32
CA SER B 240 -19.33 -3.24 -19.84
C SER B 240 -19.68 -1.89 -19.22
N ALA B 241 -19.83 -1.84 -17.90
CA ALA B 241 -20.18 -0.58 -17.23
C ALA B 241 -19.07 0.45 -17.40
N PHE B 242 -17.83 0.00 -17.23
CA PHE B 242 -16.65 0.86 -17.37
C PHE B 242 -16.66 1.59 -18.70
N ARG B 243 -17.00 0.87 -19.78
CA ARG B 243 -17.03 1.48 -21.11
C ARG B 243 -18.05 2.61 -21.23
N ALA B 244 -19.26 2.39 -20.71
CA ALA B 244 -20.28 3.42 -20.77
C ALA B 244 -19.92 4.59 -19.85
N MET B 245 -19.18 4.34 -18.78
CA MET B 245 -18.81 5.41 -17.86
C MET B 245 -17.74 6.34 -18.47
N ASN B 246 -16.82 5.76 -19.24
CA ASN B 246 -15.77 6.56 -19.89
C ASN B 246 -16.36 7.50 -20.94
N ARG B 247 -17.32 6.99 -21.71
CA ARG B 247 -17.95 7.80 -22.74
C ARG B 247 -18.70 8.97 -22.11
N ALA B 248 -19.42 8.69 -21.02
CA ALA B 248 -20.19 9.74 -20.34
C ALA B 248 -19.26 10.78 -19.72
N ALA B 249 -18.20 10.31 -19.09
CA ALA B 249 -17.26 11.22 -18.47
C ALA B 249 -16.64 12.10 -19.54
N GLU B 250 -16.29 11.50 -20.68
CA GLU B 250 -15.68 12.26 -21.77
C GLU B 250 -16.65 13.31 -22.32
N LYS B 251 -17.92 12.96 -22.42
CA LYS B 251 -18.91 13.90 -22.92
C LYS B 251 -18.94 15.12 -22.00
N VAL B 252 -18.91 14.88 -20.69
CA VAL B 252 -18.92 15.97 -19.73
C VAL B 252 -17.68 16.86 -19.86
N TYR B 253 -16.51 16.25 -19.95
CA TYR B 253 -15.28 17.00 -20.09
C TYR B 253 -15.26 17.88 -21.35
N THR B 254 -15.70 17.31 -22.47
CA THR B 254 -15.70 18.05 -23.74
C THR B 254 -16.71 19.19 -23.77
N VAL B 255 -17.93 18.93 -23.35
CA VAL B 255 -18.95 19.99 -23.36
C VAL B 255 -18.54 21.11 -22.42
N LEU B 256 -18.06 20.75 -21.24
CA LEU B 256 -17.65 21.74 -20.23
C LEU B 256 -16.53 22.62 -20.78
N ARG B 257 -15.61 22.01 -21.52
CA ARG B 257 -14.47 22.73 -22.09
C ARG B 257 -14.88 23.64 -23.24
N GLN B 258 -15.76 23.13 -24.09
CA GLN B 258 -16.22 23.88 -25.24
C GLN B 258 -17.21 24.99 -24.89
N GLU B 259 -18.05 24.76 -23.89
CA GLU B 259 -19.05 25.75 -23.52
C GLU B 259 -18.78 26.61 -22.29
N GLY B 260 -17.75 26.26 -21.51
CA GLY B 260 -17.43 27.03 -20.32
C GLY B 260 -18.43 26.88 -19.18
N THR B 261 -19.22 25.81 -19.23
CA THR B 261 -20.21 25.51 -18.20
C THR B 261 -20.71 24.11 -18.47
N GLN B 262 -21.27 23.45 -17.45
CA GLN B 262 -21.77 22.08 -17.62
C GLN B 262 -23.30 22.03 -17.68
N LYS B 263 -23.92 23.19 -17.80
CA LYS B 263 -25.37 23.29 -17.87
C LYS B 263 -26.01 22.28 -18.82
N ASN B 264 -25.44 22.15 -20.02
CA ASN B 264 -26.00 21.24 -21.01
C ASN B 264 -25.74 19.74 -20.83
N VAL B 265 -25.01 19.37 -19.79
CA VAL B 265 -24.79 17.95 -19.55
C VAL B 265 -25.32 17.55 -18.18
N ILE B 266 -26.05 18.48 -17.54
CA ILE B 266 -26.65 18.22 -16.24
C ILE B 266 -27.62 17.04 -16.36
N ASP B 267 -28.34 17.01 -17.48
CA ASP B 267 -29.33 15.97 -17.75
C ASP B 267 -28.83 14.52 -17.78
N ILE B 268 -27.53 14.32 -17.96
CA ILE B 268 -27.00 12.95 -17.99
C ILE B 268 -26.24 12.64 -16.70
N MET B 269 -26.41 13.48 -15.70
CA MET B 269 -25.71 13.26 -14.43
C MET B 269 -26.53 12.60 -13.34
N GLN B 270 -25.87 11.70 -12.61
CA GLN B 270 -26.50 11.03 -11.49
C GLN B 270 -26.72 12.18 -10.51
N THR B 271 -27.88 12.23 -9.87
CA THR B 271 -28.15 13.31 -8.92
C THR B 271 -27.50 13.05 -7.58
N ARG B 272 -27.39 14.10 -6.79
CA ARG B 272 -26.80 14.01 -5.46
C ARG B 272 -27.59 13.00 -4.62
N ASN B 273 -28.91 13.03 -4.78
CA ASN B 273 -29.78 12.12 -4.04
C ASN B 273 -29.53 10.67 -4.46
N GLU B 274 -29.34 10.44 -5.76
CA GLU B 274 -29.07 9.09 -6.26
C GLU B 274 -27.71 8.62 -5.74
N LEU B 275 -26.73 9.51 -5.76
CA LEU B 275 -25.40 9.15 -5.26
C LEU B 275 -25.52 8.74 -3.80
N TYR B 276 -26.12 9.62 -3.00
CA TYR B 276 -26.32 9.37 -1.57
C TYR B 276 -27.03 8.03 -1.33
N GLU B 277 -28.09 7.80 -2.08
CA GLU B 277 -28.85 6.57 -1.95
C GLU B 277 -27.96 5.34 -2.19
N SER B 278 -27.15 5.40 -3.26
CA SER B 278 -26.29 4.28 -3.62
C SER B 278 -25.21 3.98 -2.59
N ILE B 279 -24.71 4.99 -1.91
CA ILE B 279 -23.68 4.76 -0.91
C ILE B 279 -24.22 4.74 0.52
N ASN B 280 -25.54 4.71 0.65
CA ASN B 280 -26.20 4.67 1.96
C ASN B 280 -25.82 5.84 2.85
N TYR B 281 -25.66 7.01 2.23
CA TYR B 281 -25.31 8.23 2.95
C TYR B 281 -26.20 8.43 4.19
N TYR B 282 -27.51 8.51 3.96
CA TYR B 282 -28.47 8.75 5.04
C TYR B 282 -28.36 7.73 6.16
N GLN B 283 -28.14 6.47 5.82
CA GLN B 283 -28.01 5.42 6.82
C GLN B 283 -26.90 5.79 7.81
N PHE B 284 -25.76 6.24 7.27
CA PHE B 284 -24.65 6.63 8.13
C PHE B 284 -24.99 7.89 8.90
N GLU B 285 -25.62 8.84 8.22
CA GLU B 285 -26.01 10.11 8.82
C GLU B 285 -26.91 9.89 10.03
N HIS C 6 -9.51 -23.24 11.85
CA HIS C 6 -8.34 -22.59 11.19
C HIS C 6 -8.27 -21.12 11.55
N SER C 7 -9.42 -20.53 11.86
CA SER C 7 -9.53 -19.13 12.23
C SER C 7 -8.38 -18.68 13.13
N PRO C 8 -7.69 -17.58 12.77
CA PRO C 8 -6.60 -17.16 13.64
C PRO C 8 -7.10 -16.89 15.06
N GLY C 9 -8.34 -16.44 15.18
CA GLY C 9 -8.91 -16.17 16.49
C GLY C 9 -9.01 -17.46 17.30
N GLN C 10 -9.37 -18.54 16.62
CA GLN C 10 -9.49 -19.84 17.28
C GLN C 10 -8.09 -20.29 17.67
N ALA C 11 -7.12 -19.95 16.84
CA ALA C 11 -5.73 -20.32 17.12
C ALA C 11 -5.24 -19.63 18.38
N PHE C 12 -5.61 -18.36 18.55
CA PHE C 12 -5.20 -17.60 19.73
C PHE C 12 -5.78 -18.23 21.00
N ARG C 13 -7.09 -18.42 21.01
CA ARG C 13 -7.76 -19.02 22.17
C ARG C 13 -7.18 -20.40 22.44
N ALA C 14 -6.87 -21.14 21.37
CA ALA C 14 -6.29 -22.47 21.52
C ALA C 14 -4.95 -22.36 22.24
N ALA C 15 -4.17 -21.35 21.88
CA ALA C 15 -2.87 -21.14 22.50
C ALA C 15 -3.05 -20.93 24.00
N LEU C 16 -4.04 -20.11 24.36
CA LEU C 16 -4.33 -19.83 25.76
C LEU C 16 -4.61 -21.11 26.55
N ALA C 17 -5.48 -21.95 26.00
CA ALA C 17 -5.84 -23.21 26.66
C ALA C 17 -4.67 -24.16 26.79
N LYS C 18 -3.67 -24.04 25.92
CA LYS C 18 -2.52 -24.93 25.97
C LYS C 18 -1.36 -24.41 26.81
N GLU C 19 -1.27 -23.09 26.98
CA GLU C 19 -0.18 -22.51 27.76
C GLU C 19 -0.72 -21.51 28.78
N ASN C 20 -0.35 -21.71 30.04
CA ASN C 20 -0.82 -20.84 31.12
C ASN C 20 0.31 -20.62 32.13
N PRO C 21 0.81 -19.38 32.22
CA PRO C 21 0.37 -18.24 31.42
C PRO C 21 0.93 -18.35 30.02
N LEU C 22 0.18 -17.87 29.03
CA LEU C 22 0.64 -17.91 27.64
C LEU C 22 1.64 -16.80 27.38
N GLN C 23 2.85 -17.16 26.96
CA GLN C 23 3.86 -16.16 26.65
C GLN C 23 3.63 -15.63 25.25
N ILE C 24 3.46 -14.31 25.15
CA ILE C 24 3.23 -13.65 23.87
C ILE C 24 4.36 -12.63 23.68
N VAL C 25 5.21 -12.83 22.68
CA VAL C 25 6.30 -11.90 22.43
C VAL C 25 6.07 -10.98 21.25
N GLY C 26 6.56 -9.77 21.38
CA GLY C 26 6.41 -8.80 20.30
C GLY C 26 7.36 -9.20 19.18
N ALA C 27 6.92 -8.96 17.95
CA ALA C 27 7.73 -9.23 16.77
C ALA C 27 7.69 -7.94 15.99
N ILE C 28 8.84 -7.30 15.83
CA ILE C 28 8.93 -6.03 15.14
C ILE C 28 8.69 -6.14 13.62
N ASN C 29 8.89 -7.34 13.09
CA ASN C 29 8.71 -7.60 11.67
C ASN C 29 8.51 -9.09 11.42
N ALA C 30 8.27 -9.45 10.16
CA ALA C 30 8.02 -10.84 9.78
C ALA C 30 9.17 -11.77 10.16
N ASN C 31 10.40 -11.32 9.94
CA ASN C 31 11.56 -12.12 10.26
C ASN C 31 11.56 -12.54 11.73
N HIS C 32 11.40 -11.58 12.63
CA HIS C 32 11.38 -11.87 14.06
C HIS C 32 10.20 -12.74 14.48
N ALA C 33 9.09 -12.64 13.76
CA ALA C 33 7.94 -13.48 14.09
C ALA C 33 8.35 -14.92 13.82
N LEU C 34 9.09 -15.13 12.73
CA LEU C 34 9.55 -16.47 12.39
C LEU C 34 10.56 -16.96 13.43
N LEU C 35 11.40 -16.05 13.92
CA LEU C 35 12.36 -16.43 14.95
C LEU C 35 11.57 -16.85 16.21
N ALA C 36 10.60 -16.04 16.61
CA ALA C 36 9.78 -16.36 17.78
C ALA C 36 9.14 -17.74 17.64
N GLN C 37 8.62 -18.02 16.45
CA GLN C 37 7.98 -19.31 16.19
C GLN C 37 8.99 -20.44 16.36
N ARG C 38 10.20 -20.25 15.82
CA ARG C 38 11.25 -21.25 15.93
C ARG C 38 11.70 -21.40 17.39
N ALA C 39 11.47 -20.36 18.19
CA ALA C 39 11.86 -20.39 19.61
C ALA C 39 10.84 -21.18 20.43
N GLY C 40 9.70 -21.50 19.83
CA GLY C 40 8.69 -22.28 20.53
C GLY C 40 7.42 -21.55 20.92
N TYR C 41 7.40 -20.23 20.80
CA TYR C 41 6.21 -19.44 21.17
C TYR C 41 4.96 -19.84 20.41
N GLN C 42 3.82 -19.69 21.06
CA GLN C 42 2.53 -20.06 20.49
C GLN C 42 1.68 -18.88 20.03
N ALA C 43 2.17 -17.67 20.27
CA ALA C 43 1.44 -16.47 19.85
C ALA C 43 2.40 -15.30 19.84
N ILE C 44 2.10 -14.29 19.02
CA ILE C 44 2.97 -13.13 18.93
C ILE C 44 2.21 -11.81 19.09
N TYR C 45 2.94 -10.71 19.10
CA TYR C 45 2.32 -9.41 19.29
C TYR C 45 2.90 -8.34 18.38
N LEU C 46 2.06 -7.39 17.99
CA LEU C 46 2.50 -6.27 17.17
C LEU C 46 2.30 -5.03 18.04
N SER C 47 3.41 -4.44 18.47
CA SER C 47 3.37 -3.26 19.31
C SER C 47 3.16 -1.99 18.49
N GLY C 48 2.25 -1.14 18.97
CA GLY C 48 1.98 0.11 18.29
C GLY C 48 3.20 1.02 18.42
N GLY C 49 3.77 1.05 19.61
CA GLY C 49 4.95 1.88 19.83
C GLY C 49 6.07 1.32 18.97
N GLY C 50 6.00 0.03 18.69
CA GLY C 50 7.00 -0.62 17.87
C GLY C 50 6.86 -0.24 16.40
N VAL C 51 5.63 -0.16 15.92
CA VAL C 51 5.39 0.22 14.53
C VAL C 51 5.94 1.64 14.35
N ALA C 52 5.61 2.52 15.29
CA ALA C 52 6.07 3.90 15.23
C ALA C 52 7.58 4.02 15.35
N ALA C 53 8.14 3.50 16.44
CA ALA C 53 9.57 3.57 16.67
C ALA C 53 10.42 2.75 15.70
N GLY C 54 9.99 1.52 15.42
CA GLY C 54 10.75 0.66 14.53
C GLY C 54 10.51 0.82 13.04
N SER C 55 9.25 0.73 12.62
CA SER C 55 8.91 0.85 11.20
C SER C 55 8.99 2.28 10.68
N LEU C 56 8.63 3.24 11.50
CA LEU C 56 8.65 4.64 11.08
C LEU C 56 9.77 5.48 11.69
N GLY C 57 10.42 4.96 12.73
CA GLY C 57 11.49 5.70 13.38
C GLY C 57 10.96 6.96 14.02
N LEU C 58 9.70 6.91 14.44
CA LEU C 58 9.03 8.05 15.06
C LEU C 58 8.60 7.73 16.49
N PRO C 59 8.49 8.76 17.35
CA PRO C 59 8.08 8.49 18.72
C PRO C 59 6.61 8.06 18.74
N ASP C 60 6.22 7.34 19.78
CA ASP C 60 4.85 6.85 19.93
C ASP C 60 3.91 7.97 20.40
N LEU C 61 3.78 8.99 19.56
CA LEU C 61 2.93 10.14 19.88
C LEU C 61 1.79 10.32 18.87
N GLY C 62 1.11 9.23 18.55
CA GLY C 62 0.00 9.31 17.61
C GLY C 62 0.35 9.86 16.25
N ILE C 63 1.50 9.47 15.72
CA ILE C 63 1.93 9.95 14.41
C ILE C 63 1.72 8.85 13.35
N SER C 64 1.84 7.60 13.78
CA SER C 64 1.64 6.47 12.87
C SER C 64 0.16 6.31 12.59
N THR C 65 -0.17 5.79 11.43
CA THR C 65 -1.57 5.61 11.05
C THR C 65 -1.96 4.15 11.01
N LEU C 66 -3.26 3.87 10.88
CA LEU C 66 -3.73 2.50 10.81
C LEU C 66 -3.05 1.76 9.66
N ASP C 67 -2.84 2.47 8.55
CA ASP C 67 -2.21 1.86 7.38
C ASP C 67 -0.80 1.35 7.70
N ASP C 68 -0.07 2.09 8.52
CA ASP C 68 1.27 1.66 8.89
C ASP C 68 1.15 0.34 9.63
N VAL C 69 0.19 0.24 10.53
CA VAL C 69 -0.04 -0.98 11.29
C VAL C 69 -0.51 -2.12 10.40
N LEU C 70 -1.49 -1.86 9.54
CA LEU C 70 -2.01 -2.91 8.66
C LEU C 70 -0.89 -3.52 7.83
N THR C 71 -0.01 -2.68 7.32
CA THR C 71 1.11 -3.15 6.51
C THR C 71 1.96 -4.17 7.27
N ASP C 72 2.27 -3.87 8.54
CA ASP C 72 3.06 -4.80 9.34
C ASP C 72 2.26 -6.05 9.70
N ILE C 73 0.95 -5.92 9.84
CA ILE C 73 0.14 -7.08 10.15
C ILE C 73 0.18 -8.07 8.98
N ARG C 74 -0.04 -7.57 7.78
CA ARG C 74 -0.03 -8.42 6.60
C ARG C 74 1.32 -9.09 6.39
N ARG C 75 2.41 -8.31 6.50
CA ARG C 75 3.75 -8.86 6.32
C ARG C 75 3.99 -10.01 7.29
N ILE C 76 3.71 -9.77 8.56
CA ILE C 76 3.92 -10.77 9.59
C ILE C 76 3.04 -12.00 9.39
N THR C 77 1.73 -11.81 9.28
CA THR C 77 0.83 -12.94 9.13
C THR C 77 0.83 -13.63 7.76
N ASP C 78 1.35 -12.96 6.74
CA ASP C 78 1.42 -13.59 5.42
C ASP C 78 2.41 -14.74 5.44
N VAL C 79 3.41 -14.68 6.32
CA VAL C 79 4.41 -15.73 6.38
C VAL C 79 4.46 -16.53 7.68
N CYS C 80 3.99 -15.93 8.78
CA CYS C 80 3.99 -16.63 10.07
C CYS C 80 2.57 -16.97 10.48
N PRO C 81 2.27 -18.25 10.71
CA PRO C 81 0.93 -18.70 11.10
C PRO C 81 0.55 -18.52 12.58
N LEU C 82 1.49 -18.08 13.41
CA LEU C 82 1.16 -17.91 14.82
C LEU C 82 0.13 -16.79 15.00
N PRO C 83 -0.89 -17.03 15.84
CA PRO C 83 -1.91 -16.00 16.07
C PRO C 83 -1.28 -14.70 16.54
N LEU C 84 -1.65 -13.59 15.91
CA LEU C 84 -1.08 -12.30 16.26
C LEU C 84 -2.02 -11.37 17.02
N LEU C 85 -1.58 -10.91 18.19
CA LEU C 85 -2.37 -9.96 18.98
C LEU C 85 -1.90 -8.59 18.53
N VAL C 86 -2.83 -7.71 18.20
CA VAL C 86 -2.48 -6.38 17.72
C VAL C 86 -2.90 -5.22 18.60
N ASP C 87 -1.96 -4.29 18.77
CA ASP C 87 -2.17 -3.07 19.55
C ASP C 87 -2.95 -2.11 18.64
N ALA C 88 -4.24 -1.97 18.90
CA ALA C 88 -5.07 -1.09 18.08
C ALA C 88 -5.25 0.28 18.73
N ASP C 89 -4.36 0.62 19.66
CA ASP C 89 -4.39 1.90 20.35
C ASP C 89 -5.80 2.21 20.88
N ILE C 90 -6.38 3.34 20.45
CA ILE C 90 -7.70 3.72 20.90
C ILE C 90 -8.75 3.54 19.80
N GLY C 91 -8.32 3.01 18.65
CA GLY C 91 -9.24 2.79 17.56
C GLY C 91 -8.92 3.49 16.25
N PHE C 92 -7.97 4.42 16.28
CA PHE C 92 -7.61 5.16 15.06
C PHE C 92 -8.83 5.88 14.49
N GLY C 93 -9.31 6.88 15.21
CA GLY C 93 -10.47 7.62 14.76
C GLY C 93 -11.47 7.81 15.89
N SER C 94 -11.88 9.06 16.10
CA SER C 94 -12.83 9.40 17.16
C SER C 94 -14.24 8.91 16.84
N SER C 95 -14.54 8.79 15.55
CA SER C 95 -15.86 8.34 15.11
C SER C 95 -16.04 6.84 15.32
N ALA C 96 -17.27 6.43 15.62
CA ALA C 96 -17.59 5.03 15.83
C ALA C 96 -17.27 4.27 14.55
N PHE C 97 -17.52 4.92 13.40
CA PHE C 97 -17.26 4.32 12.11
C PHE C 97 -15.79 3.94 12.04
N ASN C 98 -14.94 4.83 12.55
CA ASN C 98 -13.50 4.61 12.54
C ASN C 98 -13.13 3.38 13.37
N VAL C 99 -13.64 3.30 14.59
CA VAL C 99 -13.35 2.17 15.46
C VAL C 99 -13.77 0.88 14.75
N ALA C 100 -14.92 0.94 14.08
CA ALA C 100 -15.45 -0.21 13.36
C ALA C 100 -14.60 -0.59 12.16
N ARG C 101 -14.30 0.40 11.31
CA ARG C 101 -13.49 0.13 10.12
C ARG C 101 -12.13 -0.42 10.55
N THR C 102 -11.63 0.08 11.68
CA THR C 102 -10.35 -0.36 12.21
C THR C 102 -10.37 -1.83 12.62
N VAL C 103 -11.38 -2.22 13.40
CA VAL C 103 -11.50 -3.60 13.84
C VAL C 103 -11.57 -4.55 12.65
N LYS C 104 -12.40 -4.20 11.67
CA LYS C 104 -12.55 -5.04 10.48
C LYS C 104 -11.28 -5.10 9.62
N SER C 105 -10.61 -3.96 9.47
CA SER C 105 -9.38 -3.89 8.70
C SER C 105 -8.26 -4.73 9.32
N ILE C 106 -8.14 -4.64 10.64
CA ILE C 106 -7.12 -5.39 11.37
C ILE C 106 -7.38 -6.88 11.29
N ALA C 107 -8.65 -7.27 11.45
CA ALA C 107 -9.00 -8.67 11.36
C ALA C 107 -8.71 -9.16 9.95
N LYS C 108 -9.15 -8.38 8.96
CA LYS C 108 -8.95 -8.76 7.56
C LYS C 108 -7.47 -8.83 7.20
N ALA C 109 -6.64 -8.02 7.85
CA ALA C 109 -5.21 -8.04 7.57
C ALA C 109 -4.60 -9.35 8.06
N GLY C 110 -5.33 -10.09 8.90
CA GLY C 110 -4.84 -11.37 9.38
C GLY C 110 -4.62 -11.52 10.87
N ALA C 111 -4.93 -10.48 11.64
CA ALA C 111 -4.75 -10.51 13.08
C ALA C 111 -5.69 -11.52 13.75
N ALA C 112 -5.24 -12.11 14.85
CA ALA C 112 -6.05 -13.08 15.57
C ALA C 112 -6.78 -12.38 16.70
N ALA C 113 -6.27 -11.21 17.11
CA ALA C 113 -6.86 -10.47 18.22
C ALA C 113 -6.33 -9.06 18.26
N LEU C 114 -7.01 -8.21 19.03
CA LEU C 114 -6.57 -6.83 19.17
C LEU C 114 -7.03 -6.29 20.53
N HIS C 115 -6.36 -5.25 21.00
CA HIS C 115 -6.76 -4.64 22.25
C HIS C 115 -6.92 -3.14 22.02
N ILE C 116 -7.98 -2.58 22.58
CA ILE C 116 -8.27 -1.17 22.46
C ILE C 116 -8.24 -0.61 23.88
N GLU C 117 -7.70 0.60 24.05
CA GLU C 117 -7.59 1.19 25.39
C GLU C 117 -8.53 2.35 25.69
N ASP C 118 -8.57 2.74 26.97
CA ASP C 118 -9.44 3.82 27.40
C ASP C 118 -8.73 5.16 27.58
N GLN C 119 -7.59 5.34 26.93
CA GLN C 119 -6.87 6.60 27.03
C GLN C 119 -7.52 7.65 26.15
N VAL C 120 -7.20 8.92 26.40
CA VAL C 120 -7.76 10.02 25.64
C VAL C 120 -6.90 10.30 24.41
N ALA C 132 -4.13 10.92 30.58
CA ALA C 132 -5.51 10.84 31.06
C ALA C 132 -6.29 9.77 30.32
N ILE C 133 -7.42 9.37 30.89
CA ILE C 133 -8.26 8.35 30.29
C ILE C 133 -9.72 8.78 30.25
N VAL C 134 -10.44 8.31 29.24
CA VAL C 134 -11.85 8.64 29.10
C VAL C 134 -12.62 7.96 30.23
N SER C 135 -13.90 8.28 30.35
CA SER C 135 -14.73 7.70 31.40
C SER C 135 -15.14 6.26 31.11
N LYS C 136 -15.63 5.57 32.13
CA LYS C 136 -16.06 4.19 32.01
C LYS C 136 -17.06 4.06 30.86
N GLU C 137 -18.12 4.85 30.93
CA GLU C 137 -19.16 4.85 29.91
C GLU C 137 -18.56 5.02 28.51
N GLU C 138 -17.64 5.97 28.39
CA GLU C 138 -16.99 6.22 27.11
C GLU C 138 -16.36 4.93 26.58
N MET C 139 -15.44 4.38 27.34
CA MET C 139 -14.77 3.14 26.94
C MET C 139 -15.79 2.05 26.65
N VAL C 140 -16.81 1.97 27.50
CA VAL C 140 -17.86 0.97 27.32
C VAL C 140 -18.47 1.07 25.93
N ASP C 141 -18.57 2.29 25.41
CA ASP C 141 -19.12 2.49 24.08
C ASP C 141 -18.11 2.05 23.03
N ARG C 142 -16.85 2.41 23.24
CA ARG C 142 -15.79 2.01 22.29
C ARG C 142 -15.81 0.50 22.15
N ILE C 143 -15.82 -0.18 23.30
CA ILE C 143 -15.83 -1.64 23.33
C ILE C 143 -17.03 -2.19 22.56
N ARG C 144 -18.17 -1.52 22.69
CA ARG C 144 -19.38 -1.95 22.01
C ARG C 144 -19.26 -1.78 20.51
N ALA C 145 -18.67 -0.68 20.07
CA ALA C 145 -18.51 -0.43 18.65
C ALA C 145 -17.60 -1.52 18.07
N ALA C 146 -16.60 -1.90 18.85
CA ALA C 146 -15.64 -2.92 18.41
C ALA C 146 -16.27 -4.30 18.29
N VAL C 147 -16.95 -4.74 19.35
CA VAL C 147 -17.60 -6.05 19.35
C VAL C 147 -18.65 -6.17 18.24
N ASP C 148 -19.30 -5.04 17.96
CA ASP C 148 -20.33 -4.99 16.94
C ASP C 148 -19.73 -5.20 15.55
N ALA C 149 -18.63 -4.52 15.27
CA ALA C 149 -17.95 -4.61 13.98
C ALA C 149 -17.35 -5.98 13.67
N ARG C 150 -16.88 -6.66 14.70
CA ARG C 150 -16.29 -7.98 14.54
C ARG C 150 -17.20 -8.90 13.76
N THR C 151 -16.63 -9.63 12.80
CA THR C 151 -17.41 -10.57 11.99
C THR C 151 -17.25 -11.98 12.53
N ASP C 152 -16.00 -12.41 12.71
CA ASP C 152 -15.73 -13.73 13.24
C ASP C 152 -15.78 -13.64 14.77
N PRO C 153 -16.78 -14.28 15.38
CA PRO C 153 -16.92 -14.25 16.85
C PRO C 153 -15.68 -14.74 17.59
N ASN C 154 -14.88 -15.57 16.94
CA ASN C 154 -13.67 -16.09 17.56
C ASN C 154 -12.56 -15.04 17.61
N PHE C 155 -12.66 -14.02 16.77
CA PHE C 155 -11.67 -12.95 16.77
C PHE C 155 -11.77 -12.29 18.14
N VAL C 156 -10.64 -12.17 18.84
CA VAL C 156 -10.61 -11.60 20.18
C VAL C 156 -10.58 -10.08 20.31
N ILE C 157 -11.47 -9.56 21.16
CA ILE C 157 -11.54 -8.13 21.45
C ILE C 157 -11.09 -7.95 22.89
N MET C 158 -9.83 -7.55 23.07
CA MET C 158 -9.27 -7.35 24.40
C MET C 158 -9.40 -5.89 24.80
N ALA C 159 -9.83 -5.65 26.03
CA ALA C 159 -9.99 -4.29 26.53
C ALA C 159 -8.84 -3.96 27.47
N ARG C 160 -8.10 -2.91 27.15
CA ARG C 160 -6.97 -2.50 27.96
C ARG C 160 -7.29 -1.24 28.76
N THR C 161 -6.88 -1.23 30.02
CA THR C 161 -7.11 -0.07 30.89
C THR C 161 -5.79 0.48 31.43
N ASP C 162 -5.65 1.80 31.34
CA ASP C 162 -4.46 2.49 31.82
C ASP C 162 -4.82 3.30 33.07
N ALA C 163 -5.91 2.91 33.72
CA ALA C 163 -6.41 3.58 34.92
C ALA C 163 -5.44 3.62 36.11
N LEU C 164 -4.60 2.60 36.24
CA LEU C 164 -3.66 2.54 37.35
C LEU C 164 -2.60 3.64 37.32
N ALA C 165 -2.48 4.33 36.19
CA ALA C 165 -1.50 5.40 36.08
C ALA C 165 -2.06 6.70 36.66
N VAL C 166 -3.38 6.79 36.75
CA VAL C 166 -4.05 7.99 37.26
C VAL C 166 -5.17 7.73 38.26
N GLU C 167 -5.47 6.47 38.52
CA GLU C 167 -6.53 6.12 39.47
C GLU C 167 -6.07 5.02 40.41
N GLY C 168 -6.96 4.66 41.34
CA GLY C 168 -6.64 3.62 42.30
C GLY C 168 -7.14 2.26 41.85
N LEU C 169 -6.63 1.20 42.48
CA LEU C 169 -7.01 -0.17 42.15
C LEU C 169 -8.52 -0.39 42.11
N GLU C 170 -9.21 0.05 43.16
CA GLU C 170 -10.65 -0.12 43.23
C GLU C 170 -11.33 0.46 41.99
N ALA C 171 -10.97 1.68 41.64
CA ALA C 171 -11.54 2.34 40.46
C ALA C 171 -11.25 1.53 39.19
N ALA C 172 -10.01 1.05 39.10
CA ALA C 172 -9.58 0.25 37.94
C ALA C 172 -10.40 -1.04 37.84
N LEU C 173 -10.67 -1.64 39.00
CA LEU C 173 -11.45 -2.87 39.05
C LEU C 173 -12.88 -2.61 38.63
N ASP C 174 -13.39 -1.44 39.00
CA ASP C 174 -14.76 -1.07 38.64
C ASP C 174 -14.87 -1.02 37.11
N ARG C 175 -13.87 -0.43 36.47
CA ARG C 175 -13.85 -0.34 35.01
C ARG C 175 -13.79 -1.76 34.43
N ALA C 176 -12.84 -2.54 34.94
CA ALA C 176 -12.66 -3.91 34.49
C ALA C 176 -13.98 -4.67 34.39
N GLN C 177 -14.88 -4.42 35.35
CA GLN C 177 -16.17 -5.08 35.36
C GLN C 177 -17.08 -4.56 34.23
N ALA C 178 -17.07 -3.25 34.04
CA ALA C 178 -17.89 -2.63 33.01
C ALA C 178 -17.37 -2.95 31.61
N TYR C 179 -16.07 -3.13 31.48
CA TYR C 179 -15.47 -3.44 30.19
C TYR C 179 -15.84 -4.86 29.76
N VAL C 180 -15.89 -5.79 30.72
CA VAL C 180 -16.26 -7.16 30.43
C VAL C 180 -17.73 -7.19 30.02
N ASP C 181 -18.58 -6.61 30.87
CA ASP C 181 -20.01 -6.56 30.60
C ASP C 181 -20.26 -5.93 29.23
N ALA C 182 -19.34 -5.07 28.81
CA ALA C 182 -19.46 -4.39 27.52
C ALA C 182 -19.18 -5.34 26.35
N GLY C 183 -18.64 -6.52 26.66
CA GLY C 183 -18.35 -7.49 25.61
C GLY C 183 -16.88 -7.87 25.48
N ALA C 184 -16.00 -7.17 26.20
CA ALA C 184 -14.58 -7.45 26.13
C ALA C 184 -14.31 -8.93 26.43
N ASP C 185 -13.57 -9.59 25.55
CA ASP C 185 -13.25 -11.00 25.74
C ASP C 185 -12.16 -11.24 26.77
N MET C 186 -11.23 -10.30 26.88
CA MET C 186 -10.12 -10.42 27.82
C MET C 186 -9.74 -9.04 28.34
N LEU C 187 -8.96 -9.01 29.42
CA LEU C 187 -8.54 -7.76 30.04
C LEU C 187 -7.02 -7.54 30.06
N PHE C 188 -6.63 -6.29 29.81
CA PHE C 188 -5.23 -5.89 29.79
C PHE C 188 -5.05 -4.74 30.79
N PRO C 189 -4.77 -5.06 32.07
CA PRO C 189 -4.58 -4.07 33.13
C PRO C 189 -3.14 -3.55 33.10
N GLU C 190 -2.96 -2.34 32.58
CA GLU C 190 -1.64 -1.74 32.47
C GLU C 190 -1.04 -1.21 33.77
N ALA C 191 0.28 -1.32 33.87
CA ALA C 191 1.02 -0.83 35.03
C ALA C 191 0.71 -1.48 36.38
N ILE C 192 0.29 -2.74 36.39
CA ILE C 192 0.02 -3.42 37.65
C ILE C 192 1.38 -3.61 38.32
N THR C 193 1.46 -3.28 39.60
CA THR C 193 2.72 -3.39 40.34
C THR C 193 2.77 -4.53 41.36
N GLU C 194 1.62 -5.11 41.66
CA GLU C 194 1.55 -6.21 42.62
C GLU C 194 0.88 -7.45 42.05
N LEU C 195 1.49 -8.59 42.32
CA LEU C 195 0.97 -9.88 41.88
C LEU C 195 -0.49 -10.03 42.30
N SER C 196 -0.80 -9.62 43.52
CA SER C 196 -2.16 -9.70 44.05
C SER C 196 -3.16 -8.91 43.22
N MET C 197 -2.70 -7.86 42.56
CA MET C 197 -3.58 -7.06 41.72
C MET C 197 -4.10 -7.89 40.55
N TYR C 198 -3.21 -8.66 39.93
CA TYR C 198 -3.61 -9.51 38.80
C TYR C 198 -4.72 -10.45 39.25
N ARG C 199 -4.54 -11.02 40.43
CA ARG C 199 -5.52 -11.95 40.97
C ARG C 199 -6.89 -11.29 41.14
N ARG C 200 -6.90 -10.04 41.58
CA ARG C 200 -8.16 -9.33 41.79
C ARG C 200 -8.89 -9.02 40.49
N PHE C 201 -8.14 -8.72 39.43
CA PHE C 201 -8.80 -8.44 38.15
C PHE C 201 -9.40 -9.74 37.62
N ALA C 202 -8.68 -10.83 37.80
CA ALA C 202 -9.16 -12.14 37.36
C ALA C 202 -10.47 -12.48 38.07
N ASP C 203 -10.44 -12.48 39.41
CA ASP C 203 -11.61 -12.80 40.21
C ASP C 203 -12.79 -11.89 39.90
N VAL C 204 -12.50 -10.63 39.59
CA VAL C 204 -13.54 -9.66 39.28
C VAL C 204 -14.02 -9.71 37.83
N ALA C 205 -13.07 -9.73 36.89
CA ALA C 205 -13.41 -9.76 35.47
C ALA C 205 -13.99 -11.08 34.99
N GLN C 206 -13.43 -12.18 35.45
CA GLN C 206 -13.89 -13.52 35.06
C GLN C 206 -13.50 -13.88 33.64
N VAL C 207 -12.57 -13.12 33.08
CA VAL C 207 -12.06 -13.36 31.72
C VAL C 207 -10.55 -13.38 31.78
N PRO C 208 -9.89 -13.95 30.77
CA PRO C 208 -8.42 -14.00 30.75
C PRO C 208 -7.76 -12.63 31.02
N ILE C 209 -6.73 -12.63 31.85
CA ILE C 209 -6.01 -11.41 32.18
C ILE C 209 -4.59 -11.41 31.61
N LEU C 210 -4.22 -10.32 30.94
CA LEU C 210 -2.88 -10.22 30.36
C LEU C 210 -1.99 -9.31 31.19
N ALA C 211 -0.78 -9.81 31.47
CA ALA C 211 0.19 -9.04 32.24
C ALA C 211 1.27 -8.53 31.30
N ASN C 212 1.37 -7.22 31.18
CA ASN C 212 2.36 -6.60 30.30
C ASN C 212 3.69 -6.48 31.02
N ILE C 213 4.59 -7.42 30.77
CA ILE C 213 5.90 -7.42 31.40
C ILE C 213 6.94 -6.75 30.51
N THR C 214 6.73 -5.48 30.22
CA THR C 214 7.67 -4.73 29.39
C THR C 214 8.73 -4.14 30.29
N GLU C 215 9.97 -4.06 29.81
CA GLU C 215 11.02 -3.50 30.65
C GLU C 215 10.94 -1.98 30.72
N PHE C 216 11.48 -1.43 31.82
CA PHE C 216 11.48 0.00 32.10
C PHE C 216 10.09 0.53 32.44
N GLY C 217 9.17 -0.38 32.69
CA GLY C 217 7.82 0.02 33.06
C GLY C 217 7.65 -0.04 34.56
N ALA C 218 6.49 0.33 35.07
CA ALA C 218 6.23 0.29 36.51
C ALA C 218 6.09 -1.15 36.99
N THR C 219 5.57 -2.01 36.11
CA THR C 219 5.38 -3.41 36.46
C THR C 219 6.71 -4.14 36.59
N PRO C 220 6.91 -4.86 37.70
CA PRO C 220 8.14 -5.62 37.93
C PRO C 220 8.31 -6.73 36.91
N LEU C 221 9.54 -7.24 36.79
CA LEU C 221 9.82 -8.32 35.85
C LEU C 221 9.41 -9.66 36.47
N PHE C 222 8.11 -9.86 36.62
CA PHE C 222 7.57 -11.09 37.18
C PHE C 222 7.93 -12.28 36.30
N THR C 223 8.07 -13.44 36.91
CA THR C 223 8.38 -14.65 36.16
C THR C 223 7.04 -15.29 35.80
N THR C 224 7.05 -16.26 34.91
CA THR C 224 5.81 -16.92 34.54
C THR C 224 5.27 -17.72 35.72
N ASP C 225 6.16 -18.24 36.57
CA ASP C 225 5.68 -18.99 37.73
C ASP C 225 4.94 -18.05 38.68
N GLU C 226 5.45 -16.82 38.80
CA GLU C 226 4.81 -15.85 39.67
C GLU C 226 3.48 -15.41 39.09
N LEU C 227 3.43 -15.21 37.78
CA LEU C 227 2.20 -14.80 37.13
C LEU C 227 1.14 -15.91 37.20
N ARG C 228 1.57 -17.16 37.12
CA ARG C 228 0.65 -18.29 37.20
C ARG C 228 -0.02 -18.32 38.58
N SER C 229 0.76 -18.02 39.61
CA SER C 229 0.22 -18.02 40.97
C SER C 229 -0.86 -16.96 41.10
N ALA C 230 -0.78 -15.92 40.28
CA ALA C 230 -1.76 -14.83 40.32
C ALA C 230 -2.89 -15.04 39.32
N HIS C 231 -2.92 -16.22 38.69
CA HIS C 231 -3.95 -16.57 37.71
C HIS C 231 -3.87 -15.76 36.42
N VAL C 232 -2.68 -15.28 36.10
CA VAL C 232 -2.50 -14.51 34.87
C VAL C 232 -2.59 -15.46 33.68
N ALA C 233 -3.43 -15.10 32.71
CA ALA C 233 -3.61 -15.93 31.53
C ALA C 233 -2.57 -15.68 30.43
N MET C 234 -1.99 -14.48 30.40
CA MET C 234 -1.01 -14.14 29.38
C MET C 234 0.13 -13.26 29.88
N ALA C 235 1.35 -13.58 29.46
CA ALA C 235 2.53 -12.77 29.81
C ALA C 235 3.01 -12.16 28.50
N LEU C 236 2.93 -10.84 28.40
CA LEU C 236 3.32 -10.11 27.20
C LEU C 236 4.69 -9.44 27.33
N TYR C 237 5.53 -9.60 26.30
CA TYR C 237 6.85 -8.98 26.25
C TYR C 237 6.87 -8.28 24.89
N PRO C 238 6.23 -7.09 24.82
CA PRO C 238 6.08 -6.23 23.65
C PRO C 238 7.27 -5.76 22.82
N LEU C 239 8.35 -5.33 23.45
CA LEU C 239 9.51 -4.83 22.68
C LEU C 239 10.84 -5.47 23.02
N SER C 240 10.83 -6.44 23.91
CA SER C 240 12.06 -7.11 24.36
C SER C 240 13.08 -7.39 23.25
N ALA C 241 12.70 -8.19 22.26
CA ALA C 241 13.63 -8.51 21.18
C ALA C 241 14.07 -7.25 20.45
N PHE C 242 13.11 -6.37 20.18
CA PHE C 242 13.39 -5.10 19.49
C PHE C 242 14.50 -4.35 20.22
N ARG C 243 14.41 -4.27 21.54
CA ARG C 243 15.43 -3.55 22.32
C ARG C 243 16.84 -4.11 22.12
N ALA C 244 16.99 -5.42 22.17
CA ALA C 244 18.31 -6.03 22.00
C ALA C 244 18.77 -5.90 20.55
N MET C 245 17.80 -5.91 19.65
CA MET C 245 18.05 -5.78 18.23
C MET C 245 18.68 -4.42 17.94
N ASN C 246 18.17 -3.38 18.58
CA ASN C 246 18.69 -2.04 18.38
C ASN C 246 20.10 -1.85 18.91
N ARG C 247 20.37 -2.40 20.08
CA ARG C 247 21.71 -2.29 20.68
C ARG C 247 22.74 -2.97 19.78
N ALA C 248 22.45 -4.21 19.40
CA ALA C 248 23.36 -4.97 18.56
C ALA C 248 23.64 -4.27 17.23
N ALA C 249 22.59 -3.70 16.64
CA ALA C 249 22.72 -2.99 15.37
C ALA C 249 23.62 -1.77 15.57
N GLU C 250 23.35 -1.01 16.61
CA GLU C 250 24.12 0.18 16.93
C GLU C 250 25.59 -0.16 17.09
N LYS C 251 25.87 -1.27 17.76
CA LYS C 251 27.23 -1.73 17.97
C LYS C 251 27.95 -1.92 16.64
N VAL C 252 27.27 -2.58 15.71
CA VAL C 252 27.82 -2.84 14.39
C VAL C 252 28.12 -1.53 13.68
N TYR C 253 27.19 -0.58 13.75
CA TYR C 253 27.39 0.70 13.10
C TYR C 253 28.61 1.44 13.67
N THR C 254 28.72 1.45 14.98
CA THR C 254 29.82 2.12 15.66
C THR C 254 31.18 1.50 15.34
N VAL C 255 31.32 0.21 15.60
CA VAL C 255 32.57 -0.49 15.35
C VAL C 255 33.00 -0.37 13.89
N LEU C 256 32.05 -0.57 12.98
CA LEU C 256 32.35 -0.48 11.56
C LEU C 256 32.84 0.91 11.18
N ARG C 257 32.20 1.94 11.73
CA ARG C 257 32.57 3.32 11.45
C ARG C 257 33.89 3.73 12.08
N GLN C 258 34.26 3.08 13.17
CA GLN C 258 35.50 3.39 13.86
C GLN C 258 36.72 2.64 13.32
N GLU C 259 36.53 1.39 12.92
CA GLU C 259 37.64 0.58 12.43
C GLU C 259 37.70 0.37 10.92
N GLY C 260 36.69 0.87 10.19
CA GLY C 260 36.68 0.72 8.75
C GLY C 260 36.63 -0.72 8.29
N THR C 261 36.02 -1.57 9.11
CA THR C 261 35.86 -2.99 8.82
C THR C 261 34.97 -3.59 9.91
N GLN C 262 34.13 -4.55 9.56
CA GLN C 262 33.24 -5.16 10.54
C GLN C 262 33.84 -6.42 11.15
N LYS C 263 35.10 -6.67 10.83
CA LYS C 263 35.81 -7.85 11.32
C LYS C 263 35.61 -8.14 12.80
N ASN C 264 35.70 -7.13 13.65
CA ASN C 264 35.54 -7.34 15.08
C ASN C 264 34.09 -7.37 15.57
N VAL C 265 33.16 -7.61 14.65
CA VAL C 265 31.75 -7.68 14.99
C VAL C 265 31.13 -8.92 14.36
N ILE C 266 31.92 -9.61 13.55
CA ILE C 266 31.47 -10.83 12.89
C ILE C 266 30.93 -11.84 13.89
N ASP C 267 31.59 -11.92 15.05
CA ASP C 267 31.22 -12.86 16.09
C ASP C 267 29.81 -12.71 16.65
N ILE C 268 29.24 -11.51 16.58
CA ILE C 268 27.89 -11.31 17.11
C ILE C 268 26.84 -11.29 16.00
N MET C 269 27.20 -11.83 14.83
CA MET C 269 26.29 -11.85 13.69
C MET C 269 25.70 -13.22 13.38
N GLN C 270 24.40 -13.23 13.12
CA GLN C 270 23.72 -14.45 12.75
C GLN C 270 24.41 -14.90 11.46
N THR C 271 24.66 -16.20 11.32
CA THR C 271 25.34 -16.71 10.13
C THR C 271 24.38 -16.87 8.95
N ARG C 272 24.94 -17.20 7.79
CA ARG C 272 24.12 -17.37 6.59
C ARG C 272 23.17 -18.55 6.77
N ASN C 273 23.69 -19.68 7.23
CA ASN C 273 22.84 -20.86 7.44
C ASN C 273 21.72 -20.55 8.43
N GLU C 274 22.03 -19.78 9.48
CA GLU C 274 21.04 -19.42 10.48
C GLU C 274 19.93 -18.56 9.86
N LEU C 275 20.33 -17.57 9.07
CA LEU C 275 19.36 -16.68 8.42
C LEU C 275 18.48 -17.53 7.52
N TYR C 276 19.12 -18.33 6.66
CA TYR C 276 18.41 -19.18 5.71
C TYR C 276 17.44 -20.14 6.39
N GLU C 277 17.86 -20.76 7.48
CA GLU C 277 17.00 -21.68 8.21
C GLU C 277 15.80 -20.97 8.83
N SER C 278 15.99 -19.73 9.27
CA SER C 278 14.87 -19.00 9.88
C SER C 278 13.81 -18.63 8.85
N ILE C 279 14.21 -18.39 7.61
CA ILE C 279 13.25 -18.04 6.57
C ILE C 279 12.88 -19.21 5.65
N ASN C 280 13.24 -20.43 6.08
CA ASN C 280 12.93 -21.64 5.33
C ASN C 280 13.45 -21.64 3.90
N TYR C 281 14.62 -21.04 3.70
CA TYR C 281 15.23 -20.97 2.38
C TYR C 281 15.34 -22.35 1.73
N TYR C 282 15.90 -23.32 2.47
CA TYR C 282 16.08 -24.66 1.92
C TYR C 282 14.78 -25.33 1.49
N GLN C 283 13.70 -25.07 2.23
CA GLN C 283 12.41 -25.66 1.89
C GLN C 283 11.94 -25.11 0.54
N PHE C 284 12.15 -23.82 0.29
CA PHE C 284 11.78 -23.23 -0.98
C PHE C 284 12.55 -23.90 -2.12
N GLU C 285 13.87 -24.00 -1.96
CA GLU C 285 14.72 -24.63 -2.97
C GLU C 285 14.22 -26.04 -3.23
N GLU C 286 13.81 -26.73 -2.16
CA GLU C 286 13.29 -28.08 -2.26
C GLU C 286 12.15 -28.17 -3.27
N LYS C 287 11.15 -27.30 -3.10
CA LYS C 287 10.02 -27.29 -4.00
C LYS C 287 10.48 -27.13 -5.44
N LEU C 288 11.52 -26.33 -5.65
CA LEU C 288 12.06 -26.14 -6.99
C LEU C 288 12.68 -27.46 -7.45
N ASP C 289 13.38 -28.14 -6.54
CA ASP C 289 14.01 -29.42 -6.88
C ASP C 289 12.94 -30.39 -7.36
N ALA C 290 11.82 -30.42 -6.65
CA ALA C 290 10.72 -31.31 -6.99
C ALA C 290 10.25 -31.09 -8.43
N LEU C 291 10.49 -29.90 -8.95
CA LEU C 291 10.10 -29.57 -10.31
C LEU C 291 11.28 -29.76 -11.26
N HIS D 6 15.63 20.56 -2.73
CA HIS D 6 16.57 19.49 -2.28
C HIS D 6 16.60 18.32 -3.25
N SER D 7 17.76 17.70 -3.36
CA SER D 7 17.94 16.56 -4.25
C SER D 7 18.82 15.50 -3.60
N PRO D 8 18.21 14.38 -3.17
CA PRO D 8 18.98 13.31 -2.53
C PRO D 8 20.05 12.80 -3.49
N GLY D 9 19.79 12.95 -4.78
CA GLY D 9 20.75 12.51 -5.77
C GLY D 9 22.02 13.34 -5.64
N GLN D 10 21.86 14.60 -5.28
CA GLN D 10 22.99 15.50 -5.09
C GLN D 10 23.68 15.14 -3.78
N ALA D 11 22.88 14.85 -2.77
CA ALA D 11 23.41 14.48 -1.47
C ALA D 11 24.27 13.24 -1.60
N PHE D 12 23.82 12.29 -2.42
CA PHE D 12 24.59 11.06 -2.63
C PHE D 12 25.90 11.37 -3.34
N ARG D 13 25.82 12.12 -4.44
CA ARG D 13 27.00 12.49 -5.21
C ARG D 13 27.98 13.27 -4.34
N ALA D 14 27.46 14.17 -3.51
CA ALA D 14 28.31 14.95 -2.64
C ALA D 14 29.02 14.03 -1.63
N ALA D 15 28.25 13.11 -1.05
CA ALA D 15 28.80 12.17 -0.07
C ALA D 15 30.04 11.45 -0.59
N LEU D 16 29.98 10.94 -1.82
CA LEU D 16 31.12 10.23 -2.39
C LEU D 16 32.31 11.18 -2.54
N ALA D 17 32.01 12.46 -2.70
CA ALA D 17 33.04 13.47 -2.87
C ALA D 17 33.80 13.76 -1.57
N LYS D 18 33.07 13.81 -0.45
CA LYS D 18 33.72 14.10 0.83
C LYS D 18 34.20 12.89 1.63
N GLU D 19 34.02 11.69 1.08
CA GLU D 19 34.45 10.48 1.77
C GLU D 19 34.90 9.46 0.73
N ASN D 20 36.13 8.97 0.87
CA ASN D 20 36.67 8.01 -0.08
C ASN D 20 37.50 6.91 0.58
N PRO D 21 37.02 5.66 0.54
CA PRO D 21 35.76 5.26 -0.10
C PRO D 21 34.59 5.68 0.78
N LEU D 22 33.41 5.86 0.18
CA LEU D 22 32.23 6.24 0.95
C LEU D 22 31.62 4.99 1.55
N GLN D 23 31.53 4.94 2.87
CA GLN D 23 30.93 3.80 3.55
C GLN D 23 29.41 3.94 3.45
N ILE D 24 28.79 2.91 2.90
CA ILE D 24 27.34 2.89 2.76
C ILE D 24 26.83 1.66 3.50
N VAL D 25 26.10 1.87 4.59
CA VAL D 25 25.58 0.74 5.37
C VAL D 25 24.09 0.53 5.16
N GLY D 26 23.70 -0.72 5.06
CA GLY D 26 22.29 -1.04 4.88
C GLY D 26 21.55 -0.73 6.16
N ALA D 27 20.29 -0.34 6.01
CA ALA D 27 19.42 -0.04 7.14
C ALA D 27 18.15 -0.84 6.85
N ILE D 28 17.86 -1.83 7.69
CA ILE D 28 16.70 -2.69 7.51
C ILE D 28 15.36 -1.97 7.66
N ASN D 29 15.36 -0.86 8.40
CA ASN D 29 14.15 -0.09 8.61
C ASN D 29 14.46 1.36 8.96
N ALA D 30 13.42 2.18 9.10
CA ALA D 30 13.61 3.58 9.41
C ALA D 30 14.38 3.82 10.70
N ASN D 31 14.11 3.01 11.72
CA ASN D 31 14.81 3.16 12.99
C ASN D 31 16.30 3.03 12.79
N HIS D 32 16.74 1.94 12.15
CA HIS D 32 18.15 1.72 11.93
C HIS D 32 18.80 2.76 11.01
N ALA D 33 17.97 3.44 10.21
CA ALA D 33 18.50 4.47 9.33
C ALA D 33 18.94 5.63 10.24
N LEU D 34 18.12 5.93 11.24
CA LEU D 34 18.41 7.00 12.20
C LEU D 34 19.63 6.61 13.04
N LEU D 35 19.80 5.31 13.31
CA LEU D 35 20.95 4.85 14.07
C LEU D 35 22.22 5.06 13.25
N ALA D 36 22.20 4.61 12.00
CA ALA D 36 23.36 4.77 11.14
C ALA D 36 23.72 6.25 11.04
N GLN D 37 22.71 7.11 10.94
CA GLN D 37 22.96 8.54 10.84
C GLN D 37 23.66 9.05 12.09
N ARG D 38 23.21 8.60 13.26
CA ARG D 38 23.82 9.01 14.52
C ARG D 38 25.25 8.48 14.58
N ALA D 39 25.48 7.32 13.96
CA ALA D 39 26.81 6.73 13.94
C ALA D 39 27.77 7.52 13.04
N GLY D 40 27.22 8.47 12.29
CA GLY D 40 28.05 9.29 11.42
C GLY D 40 28.10 8.96 9.94
N TYR D 41 27.42 7.91 9.50
CA TYR D 41 27.45 7.57 8.08
C TYR D 41 26.82 8.66 7.22
N GLN D 42 27.31 8.79 5.99
CA GLN D 42 26.82 9.82 5.07
C GLN D 42 25.84 9.29 4.01
N ALA D 43 25.73 7.97 3.90
CA ALA D 43 24.84 7.35 2.92
C ALA D 43 24.39 5.99 3.42
N ILE D 44 23.15 5.62 3.12
CA ILE D 44 22.62 4.34 3.54
C ILE D 44 22.14 3.50 2.36
N TYR D 45 21.81 2.24 2.65
CA TYR D 45 21.39 1.32 1.60
C TYR D 45 20.15 0.51 1.96
N LEU D 46 19.34 0.20 0.95
CA LEU D 46 18.16 -0.63 1.16
C LEU D 46 18.40 -1.90 0.38
N SER D 47 18.80 -2.95 1.09
CA SER D 47 19.08 -4.25 0.48
C SER D 47 17.80 -4.95 0.05
N GLY D 48 17.83 -5.52 -1.16
CA GLY D 48 16.67 -6.24 -1.67
C GLY D 48 16.49 -7.52 -0.89
N GLY D 49 17.60 -8.20 -0.63
CA GLY D 49 17.55 -9.44 0.14
C GLY D 49 17.03 -9.14 1.53
N GLY D 50 17.33 -7.95 2.03
CA GLY D 50 16.87 -7.56 3.35
C GLY D 50 15.38 -7.26 3.40
N VAL D 51 14.84 -6.67 2.33
CA VAL D 51 13.42 -6.38 2.32
C VAL D 51 12.69 -7.71 2.36
N ALA D 52 13.19 -8.68 1.61
CA ALA D 52 12.59 -10.00 1.58
C ALA D 52 12.75 -10.73 2.91
N ALA D 53 14.00 -10.89 3.35
CA ALA D 53 14.29 -11.61 4.59
C ALA D 53 13.78 -10.91 5.84
N GLY D 54 13.97 -9.60 5.91
CA GLY D 54 13.54 -8.84 7.08
C GLY D 54 12.09 -8.39 7.09
N SER D 55 11.70 -7.61 6.09
CA SER D 55 10.33 -7.10 6.02
C SER D 55 9.29 -8.16 5.73
N LEU D 56 9.66 -9.17 4.93
CA LEU D 56 8.73 -10.22 4.54
C LEU D 56 8.99 -11.61 5.12
N GLY D 57 10.17 -11.82 5.70
CA GLY D 57 10.48 -13.12 6.25
C GLY D 57 10.54 -14.17 5.15
N LEU D 58 11.02 -13.76 3.96
CA LEU D 58 11.12 -14.67 2.82
C LEU D 58 12.53 -14.72 2.24
N PRO D 59 12.90 -15.86 1.63
CA PRO D 59 14.24 -15.96 1.05
C PRO D 59 14.33 -15.02 -0.15
N ASP D 60 15.55 -14.71 -0.57
CA ASP D 60 15.79 -13.81 -1.69
C ASP D 60 15.60 -14.55 -3.00
N LEU D 61 14.37 -15.01 -3.23
CA LEU D 61 14.06 -15.76 -4.45
C LEU D 61 13.09 -15.04 -5.39
N GLY D 62 13.15 -13.71 -5.38
CA GLY D 62 12.28 -12.94 -6.26
C GLY D 62 10.80 -13.02 -5.94
N ILE D 63 10.46 -13.13 -4.66
CA ILE D 63 9.07 -13.21 -4.24
C ILE D 63 8.61 -11.83 -3.81
N SER D 64 9.54 -11.03 -3.29
CA SER D 64 9.23 -9.68 -2.86
C SER D 64 8.81 -8.91 -4.12
N THR D 65 8.07 -7.83 -3.94
CA THR D 65 7.61 -7.02 -5.07
C THR D 65 8.09 -5.58 -4.97
N LEU D 66 7.98 -4.84 -6.07
CA LEU D 66 8.39 -3.44 -6.09
C LEU D 66 7.68 -2.69 -4.97
N ASP D 67 6.40 -2.97 -4.79
CA ASP D 67 5.63 -2.30 -3.74
C ASP D 67 6.20 -2.54 -2.36
N ASP D 68 6.70 -3.76 -2.09
CA ASP D 68 7.30 -4.05 -0.79
C ASP D 68 8.48 -3.11 -0.59
N VAL D 69 9.28 -2.96 -1.64
CA VAL D 69 10.44 -2.09 -1.61
C VAL D 69 10.09 -0.62 -1.43
N LEU D 70 9.10 -0.15 -2.19
CA LEU D 70 8.66 1.25 -2.11
C LEU D 70 8.18 1.60 -0.71
N THR D 71 7.54 0.65 -0.04
CA THR D 71 7.05 0.90 1.30
C THR D 71 8.23 1.23 2.22
N ASP D 72 9.27 0.38 2.19
CA ASP D 72 10.43 0.61 3.03
C ASP D 72 11.15 1.91 2.66
N ILE D 73 11.18 2.25 1.38
CA ILE D 73 11.84 3.49 0.96
C ILE D 73 11.16 4.71 1.57
N ARG D 74 9.84 4.75 1.47
CA ARG D 74 9.08 5.87 2.02
C ARG D 74 9.26 5.97 3.53
N ARG D 75 9.16 4.84 4.21
CA ARG D 75 9.33 4.84 5.66
C ARG D 75 10.69 5.41 6.05
N ILE D 76 11.74 4.92 5.42
CA ILE D 76 13.09 5.39 5.72
C ILE D 76 13.32 6.85 5.35
N THR D 77 13.15 7.18 4.07
CA THR D 77 13.37 8.54 3.60
C THR D 77 12.41 9.60 4.15
N ASP D 78 11.29 9.16 4.73
CA ASP D 78 10.36 10.13 5.30
C ASP D 78 10.87 10.69 6.62
N VAL D 79 11.75 9.95 7.29
CA VAL D 79 12.28 10.42 8.57
C VAL D 79 13.78 10.64 8.58
N CYS D 80 14.50 9.95 7.70
CA CYS D 80 15.96 10.08 7.63
C CYS D 80 16.38 10.77 6.33
N PRO D 81 17.10 11.90 6.43
CA PRO D 81 17.56 12.65 5.26
C PRO D 81 18.78 12.11 4.51
N LEU D 82 19.47 11.14 5.09
CA LEU D 82 20.65 10.58 4.42
C LEU D 82 20.27 10.02 3.06
N PRO D 83 21.13 10.20 2.06
CA PRO D 83 20.83 9.69 0.71
C PRO D 83 20.77 8.17 0.72
N LEU D 84 19.69 7.62 0.16
CA LEU D 84 19.49 6.18 0.13
C LEU D 84 19.71 5.53 -1.24
N LEU D 85 20.60 4.53 -1.26
CA LEU D 85 20.90 3.77 -2.46
C LEU D 85 19.99 2.54 -2.38
N VAL D 86 19.20 2.31 -3.43
CA VAL D 86 18.27 1.19 -3.44
C VAL D 86 18.64 0.07 -4.41
N ASP D 87 18.42 -1.16 -3.95
CA ASP D 87 18.65 -2.36 -4.75
C ASP D 87 17.36 -2.55 -5.54
N ALA D 88 17.39 -2.29 -6.84
CA ALA D 88 16.19 -2.40 -7.66
C ALA D 88 16.16 -3.62 -8.59
N ASP D 89 17.16 -4.48 -8.50
CA ASP D 89 17.22 -5.68 -9.33
C ASP D 89 17.16 -5.38 -10.83
N ILE D 90 16.36 -6.15 -11.56
CA ILE D 90 16.35 -6.06 -13.02
C ILE D 90 15.23 -5.10 -13.40
N GLY D 91 14.61 -4.49 -12.40
CA GLY D 91 13.53 -3.56 -12.65
C GLY D 91 12.16 -4.14 -12.34
N PHE D 92 12.15 -5.37 -11.83
CA PHE D 92 10.91 -6.07 -11.47
C PHE D 92 9.94 -6.18 -12.65
N GLY D 93 10.25 -5.48 -13.74
CA GLY D 93 9.43 -5.69 -14.94
C GLY D 93 10.20 -6.45 -16.00
N SER D 94 10.23 -5.91 -17.22
CA SER D 94 10.95 -6.55 -18.31
C SER D 94 11.19 -5.59 -19.46
N SER D 95 10.13 -4.94 -19.92
CA SER D 95 10.22 -3.99 -21.03
C SER D 95 10.72 -2.62 -20.58
N ALA D 96 11.00 -1.77 -21.55
CA ALA D 96 11.49 -0.43 -21.29
C ALA D 96 10.58 0.35 -20.34
N PHE D 97 9.27 0.32 -20.57
CA PHE D 97 8.35 1.04 -19.71
C PHE D 97 8.28 0.47 -18.31
N ASN D 98 8.73 -0.77 -18.13
CA ASN D 98 8.73 -1.39 -16.81
C ASN D 98 9.87 -0.78 -15.98
N VAL D 99 11.06 -0.74 -16.58
CA VAL D 99 12.23 -0.17 -15.92
C VAL D 99 11.95 1.28 -15.59
N ALA D 100 11.32 1.99 -16.51
CA ALA D 100 11.00 3.40 -16.31
C ALA D 100 10.06 3.61 -15.14
N ARG D 101 8.94 2.88 -15.14
CA ARG D 101 7.97 3.01 -14.05
C ARG D 101 8.64 2.68 -12.71
N THR D 102 9.50 1.67 -12.73
CA THR D 102 10.21 1.26 -11.53
C THR D 102 11.16 2.35 -11.06
N VAL D 103 11.97 2.87 -11.97
CA VAL D 103 12.93 3.92 -11.61
C VAL D 103 12.19 5.15 -11.11
N LYS D 104 11.15 5.54 -11.83
CA LYS D 104 10.36 6.71 -11.45
C LYS D 104 9.72 6.53 -10.08
N SER D 105 9.15 5.36 -9.85
CA SER D 105 8.51 5.04 -8.57
C SER D 105 9.51 5.12 -7.42
N ILE D 106 10.67 4.51 -7.61
CA ILE D 106 11.71 4.52 -6.61
C ILE D 106 12.19 5.93 -6.33
N ALA D 107 12.35 6.72 -7.39
CA ALA D 107 12.79 8.11 -7.22
C ALA D 107 11.72 8.86 -6.44
N LYS D 108 10.48 8.75 -6.90
CA LYS D 108 9.36 9.42 -6.25
C LYS D 108 9.26 9.00 -4.79
N ALA D 109 9.57 7.75 -4.51
CA ALA D 109 9.51 7.23 -3.14
C ALA D 109 10.49 7.95 -2.22
N GLY D 110 11.53 8.54 -2.80
CA GLY D 110 12.50 9.28 -2.00
C GLY D 110 13.96 8.84 -2.09
N ALA D 111 14.24 7.81 -2.88
CA ALA D 111 15.61 7.33 -3.00
C ALA D 111 16.52 8.36 -3.68
N ALA D 112 17.82 8.18 -3.48
CA ALA D 112 18.82 9.08 -4.06
C ALA D 112 19.50 8.37 -5.22
N ALA D 113 19.54 7.04 -5.16
CA ALA D 113 20.17 6.26 -6.20
C ALA D 113 19.68 4.83 -6.18
N LEU D 114 19.93 4.10 -7.25
CA LEU D 114 19.52 2.71 -7.34
C LEU D 114 20.43 1.98 -8.29
N HIS D 115 20.46 0.66 -8.19
CA HIS D 115 21.28 -0.11 -9.09
C HIS D 115 20.46 -1.24 -9.71
N ILE D 116 20.68 -1.48 -11.00
CA ILE D 116 20.01 -2.55 -11.71
C ILE D 116 21.13 -3.49 -12.16
N GLU D 117 20.82 -4.76 -12.35
CA GLU D 117 21.83 -5.74 -12.71
C GLU D 117 21.52 -6.54 -13.96
N ASP D 118 22.56 -7.09 -14.57
CA ASP D 118 22.38 -7.89 -15.78
C ASP D 118 22.07 -9.36 -15.46
N GLN D 119 22.02 -9.70 -14.17
CA GLN D 119 21.71 -11.07 -13.79
C GLN D 119 20.26 -11.35 -14.14
N VAL D 120 20.05 -12.32 -15.03
CA VAL D 120 18.70 -12.69 -15.47
C VAL D 120 17.69 -12.66 -14.33
N ALA D 132 22.68 -17.25 -14.81
CA ALA D 132 22.98 -16.65 -16.10
C ALA D 132 22.70 -15.16 -16.08
N ILE D 133 23.25 -14.43 -17.05
CA ILE D 133 23.05 -13.01 -17.12
C ILE D 133 22.56 -12.59 -18.51
N VAL D 134 21.93 -11.44 -18.58
CA VAL D 134 21.40 -10.93 -19.83
C VAL D 134 22.54 -10.50 -20.74
N SER D 135 22.26 -10.46 -22.04
CA SER D 135 23.25 -10.05 -23.03
C SER D 135 23.66 -8.61 -22.79
N LYS D 136 24.83 -8.24 -23.27
CA LYS D 136 25.32 -6.88 -23.10
C LYS D 136 24.30 -5.91 -23.69
N GLU D 137 23.77 -6.30 -24.85
CA GLU D 137 22.78 -5.49 -25.56
C GLU D 137 21.54 -5.13 -24.73
N GLU D 138 20.85 -6.14 -24.21
CA GLU D 138 19.65 -5.90 -23.42
C GLU D 138 19.94 -5.08 -22.17
N MET D 139 21.11 -5.27 -21.57
CA MET D 139 21.47 -4.51 -20.38
C MET D 139 21.65 -3.06 -20.78
N VAL D 140 22.18 -2.85 -21.98
CA VAL D 140 22.39 -1.49 -22.48
C VAL D 140 21.05 -0.77 -22.62
N ASP D 141 20.04 -1.47 -23.14
CA ASP D 141 18.72 -0.87 -23.29
C ASP D 141 18.14 -0.64 -21.91
N ARG D 142 18.39 -1.58 -21.01
CA ARG D 142 17.92 -1.50 -19.64
C ARG D 142 18.41 -0.20 -19.02
N ILE D 143 19.71 0.06 -19.16
CA ILE D 143 20.33 1.26 -18.61
C ILE D 143 19.79 2.51 -19.29
N ARG D 144 19.65 2.46 -20.61
CA ARG D 144 19.14 3.60 -21.36
C ARG D 144 17.73 3.95 -20.88
N ALA D 145 16.87 2.94 -20.82
CA ALA D 145 15.49 3.14 -20.37
C ALA D 145 15.50 3.75 -18.97
N ALA D 146 16.43 3.28 -18.14
CA ALA D 146 16.55 3.78 -16.77
C ALA D 146 16.98 5.25 -16.77
N VAL D 147 18.03 5.55 -17.52
CA VAL D 147 18.54 6.92 -17.60
C VAL D 147 17.51 7.87 -18.22
N ASP D 148 16.75 7.37 -19.19
CA ASP D 148 15.74 8.18 -19.86
C ASP D 148 14.58 8.54 -18.92
N ALA D 149 14.20 7.59 -18.06
CA ALA D 149 13.10 7.78 -17.12
C ALA D 149 13.48 8.74 -16.00
N ARG D 150 14.78 8.90 -15.77
CA ARG D 150 15.28 9.78 -14.73
C ARG D 150 14.78 11.22 -14.92
N THR D 151 14.28 11.82 -13.85
CA THR D 151 13.80 13.20 -13.89
C THR D 151 14.94 14.12 -13.47
N ASP D 152 15.44 13.92 -12.25
CA ASP D 152 16.53 14.72 -11.73
C ASP D 152 17.83 14.11 -12.25
N PRO D 153 18.61 14.88 -13.02
CA PRO D 153 19.87 14.36 -13.54
C PRO D 153 20.83 13.92 -12.44
N ASN D 154 20.66 14.50 -11.25
CA ASN D 154 21.51 14.16 -10.11
C ASN D 154 21.19 12.79 -9.55
N PHE D 155 20.06 12.22 -9.96
CA PHE D 155 19.67 10.90 -9.49
C PHE D 155 20.67 9.92 -10.09
N VAL D 156 21.25 9.07 -9.23
CA VAL D 156 22.26 8.11 -9.65
C VAL D 156 21.73 6.77 -10.15
N ILE D 157 22.17 6.38 -11.34
CA ILE D 157 21.79 5.10 -11.92
C ILE D 157 23.02 4.20 -11.91
N MET D 158 23.07 3.28 -10.96
CA MET D 158 24.19 2.36 -10.82
C MET D 158 23.93 1.06 -11.55
N ALA D 159 24.96 0.53 -12.20
CA ALA D 159 24.84 -0.73 -12.92
C ALA D 159 25.67 -1.79 -12.20
N ARG D 160 25.01 -2.90 -11.86
CA ARG D 160 25.67 -4.00 -11.18
C ARG D 160 25.83 -5.15 -12.18
N THR D 161 27.02 -5.74 -12.22
CA THR D 161 27.26 -6.82 -13.17
C THR D 161 27.96 -8.03 -12.57
N ASP D 162 27.70 -9.20 -13.14
CA ASP D 162 28.31 -10.44 -12.69
C ASP D 162 28.96 -11.16 -13.87
N ALA D 163 29.21 -10.42 -14.95
CA ALA D 163 29.82 -10.97 -16.14
C ALA D 163 31.22 -11.51 -15.90
N LEU D 164 31.96 -10.84 -15.01
CA LEU D 164 33.31 -11.27 -14.70
C LEU D 164 33.29 -12.75 -14.31
N ALA D 165 32.45 -13.08 -13.33
CA ALA D 165 32.34 -14.46 -12.85
C ALA D 165 31.51 -15.36 -13.77
N VAL D 166 31.08 -14.85 -14.91
CA VAL D 166 30.27 -15.64 -15.83
C VAL D 166 30.92 -15.80 -17.21
N GLU D 167 31.37 -14.69 -17.78
CA GLU D 167 31.99 -14.70 -19.09
C GLU D 167 33.51 -14.55 -19.07
N GLY D 168 34.03 -13.89 -18.04
CA GLY D 168 35.46 -13.70 -17.95
C GLY D 168 35.86 -12.24 -18.03
N LEU D 169 37.03 -11.91 -17.48
CA LEU D 169 37.53 -10.54 -17.46
C LEU D 169 37.32 -9.76 -18.76
N GLU D 170 37.77 -10.31 -19.87
CA GLU D 170 37.63 -9.64 -21.16
C GLU D 170 36.19 -9.21 -21.41
N ALA D 171 35.26 -10.15 -21.27
CA ALA D 171 33.85 -9.86 -21.49
C ALA D 171 33.31 -8.87 -20.45
N ALA D 172 33.72 -9.06 -19.19
CA ALA D 172 33.26 -8.20 -18.10
C ALA D 172 33.61 -6.74 -18.39
N LEU D 173 34.87 -6.47 -18.70
CA LEU D 173 35.32 -5.12 -18.99
C LEU D 173 34.62 -4.52 -20.21
N ASP D 174 34.30 -5.38 -21.18
CA ASP D 174 33.62 -4.92 -22.39
C ASP D 174 32.26 -4.37 -21.98
N ARG D 175 31.52 -5.16 -21.20
CA ARG D 175 30.21 -4.76 -20.71
C ARG D 175 30.35 -3.47 -19.91
N ALA D 176 31.36 -3.44 -19.04
CA ALA D 176 31.60 -2.27 -18.19
C ALA D 176 31.57 -0.97 -18.97
N GLN D 177 32.37 -0.87 -20.04
CA GLN D 177 32.40 0.34 -20.84
C GLN D 177 31.07 0.57 -21.51
N ALA D 178 30.49 -0.50 -22.06
CA ALA D 178 29.20 -0.40 -22.71
C ALA D 178 28.18 0.15 -21.73
N TYR D 179 28.13 -0.43 -20.53
CA TYR D 179 27.19 0.02 -19.50
C TYR D 179 27.41 1.49 -19.18
N VAL D 180 28.68 1.93 -19.23
CA VAL D 180 28.98 3.32 -18.95
C VAL D 180 28.56 4.20 -20.12
N ASP D 181 28.80 3.72 -21.33
CA ASP D 181 28.42 4.47 -22.53
C ASP D 181 26.90 4.60 -22.59
N ALA D 182 26.21 3.60 -22.05
CA ALA D 182 24.75 3.60 -22.04
C ALA D 182 24.23 4.69 -21.10
N GLY D 183 25.08 5.14 -20.17
CA GLY D 183 24.67 6.18 -19.25
C GLY D 183 24.81 5.90 -17.78
N ALA D 184 25.25 4.69 -17.41
CA ALA D 184 25.41 4.35 -16.00
C ALA D 184 26.37 5.33 -15.35
N ASP D 185 26.01 5.83 -14.18
CA ASP D 185 26.87 6.79 -13.47
C ASP D 185 27.92 6.11 -12.61
N MET D 186 27.69 4.85 -12.27
CA MET D 186 28.61 4.10 -11.41
C MET D 186 28.49 2.60 -11.69
N LEU D 187 29.51 1.85 -11.32
CA LEU D 187 29.51 0.41 -11.56
C LEU D 187 29.59 -0.40 -10.26
N PHE D 188 28.92 -1.55 -10.25
CA PHE D 188 28.87 -2.43 -9.09
C PHE D 188 29.26 -3.84 -9.50
N PRO D 189 30.57 -4.16 -9.52
CA PRO D 189 31.02 -5.50 -9.90
C PRO D 189 30.72 -6.43 -8.74
N GLU D 190 30.17 -7.61 -9.02
CA GLU D 190 29.82 -8.54 -7.95
C GLU D 190 30.77 -9.71 -7.76
N ALA D 191 30.88 -10.17 -6.52
CA ALA D 191 31.71 -11.29 -6.16
C ALA D 191 33.19 -11.11 -6.54
N ILE D 192 33.76 -9.99 -6.13
CA ILE D 192 35.17 -9.72 -6.42
C ILE D 192 36.03 -10.13 -5.22
N THR D 193 36.96 -11.05 -5.47
CA THR D 193 37.84 -11.55 -4.41
C THR D 193 39.21 -10.89 -4.43
N GLU D 194 39.66 -10.46 -5.60
CA GLU D 194 40.97 -9.80 -5.72
C GLU D 194 40.82 -8.31 -5.95
N LEU D 195 41.57 -7.51 -5.19
CA LEU D 195 41.52 -6.06 -5.31
C LEU D 195 41.90 -5.61 -6.72
N SER D 196 42.78 -6.36 -7.37
CA SER D 196 43.19 -6.02 -8.73
C SER D 196 42.00 -5.87 -9.64
N MET D 197 40.98 -6.70 -9.42
CA MET D 197 39.77 -6.65 -10.21
C MET D 197 39.10 -5.29 -10.11
N TYR D 198 39.03 -4.75 -8.89
CA TYR D 198 38.43 -3.44 -8.71
C TYR D 198 39.19 -2.39 -9.51
N ARG D 199 40.51 -2.48 -9.49
CA ARG D 199 41.34 -1.52 -10.22
C ARG D 199 41.13 -1.60 -11.72
N ARG D 200 41.03 -2.82 -12.25
CA ARG D 200 40.80 -2.99 -13.68
C ARG D 200 39.49 -2.34 -14.11
N PHE D 201 38.45 -2.47 -13.27
CA PHE D 201 37.16 -1.87 -13.59
C PHE D 201 37.24 -0.36 -13.51
N ALA D 202 37.95 0.15 -12.50
CA ALA D 202 38.08 1.59 -12.35
C ALA D 202 38.83 2.18 -13.55
N ASP D 203 39.89 1.50 -13.99
CA ASP D 203 40.68 1.97 -15.12
C ASP D 203 39.91 1.88 -16.44
N VAL D 204 39.15 0.79 -16.60
CA VAL D 204 38.38 0.59 -17.82
C VAL D 204 37.10 1.42 -17.85
N ALA D 205 36.28 1.28 -16.81
CA ALA D 205 35.01 2.01 -16.72
C ALA D 205 35.20 3.49 -16.44
N GLN D 206 36.20 3.81 -15.62
CA GLN D 206 36.51 5.19 -15.27
C GLN D 206 35.36 5.96 -14.63
N VAL D 207 34.56 5.25 -13.83
CA VAL D 207 33.44 5.83 -13.10
C VAL D 207 33.52 5.24 -11.70
N PRO D 208 32.94 5.92 -10.70
CA PRO D 208 32.98 5.38 -9.33
C PRO D 208 32.60 3.91 -9.26
N ILE D 209 33.46 3.10 -8.63
CA ILE D 209 33.23 1.67 -8.47
C ILE D 209 32.74 1.40 -7.05
N LEU D 210 31.88 0.41 -6.88
CA LEU D 210 31.37 0.05 -5.56
C LEU D 210 31.78 -1.36 -5.19
N ALA D 211 32.31 -1.52 -3.98
CA ALA D 211 32.72 -2.83 -3.50
C ALA D 211 31.71 -3.30 -2.47
N ASN D 212 31.17 -4.49 -2.68
CA ASN D 212 30.18 -5.05 -1.77
C ASN D 212 30.90 -5.91 -0.71
N ILE D 213 31.15 -5.31 0.45
CA ILE D 213 31.84 -6.01 1.52
C ILE D 213 30.86 -6.70 2.47
N THR D 214 30.08 -7.64 1.95
CA THR D 214 29.12 -8.37 2.77
C THR D 214 29.83 -9.53 3.45
N GLU D 215 29.26 -10.05 4.53
CA GLU D 215 29.88 -11.15 5.25
C GLU D 215 29.45 -12.51 4.73
N PHE D 216 30.18 -13.54 5.14
CA PHE D 216 29.90 -14.92 4.77
C PHE D 216 29.76 -15.18 3.27
N GLY D 217 30.50 -14.43 2.46
CA GLY D 217 30.46 -14.61 1.03
C GLY D 217 31.80 -15.06 0.49
N ALA D 218 32.07 -14.78 -0.78
CA ALA D 218 33.34 -15.16 -1.39
C ALA D 218 34.36 -14.03 -1.30
N THR D 219 33.87 -12.82 -1.07
CA THR D 219 34.73 -11.66 -0.96
C THR D 219 35.33 -11.50 0.43
N PRO D 220 36.64 -11.21 0.50
CA PRO D 220 37.32 -11.03 1.78
C PRO D 220 36.82 -9.77 2.48
N LEU D 221 37.02 -9.70 3.80
CA LEU D 221 36.59 -8.54 4.57
C LEU D 221 37.60 -7.40 4.42
N PHE D 222 37.64 -6.82 3.22
CA PHE D 222 38.55 -5.72 2.92
C PHE D 222 38.28 -4.51 3.80
N THR D 223 39.35 -3.86 4.26
CA THR D 223 39.23 -2.67 5.09
C THR D 223 39.09 -1.46 4.18
N THR D 224 38.68 -0.33 4.74
CA THR D 224 38.52 0.88 3.95
C THR D 224 39.84 1.30 3.30
N ASP D 225 40.95 1.13 4.01
CA ASP D 225 42.25 1.50 3.46
C ASP D 225 42.62 0.58 2.30
N GLU D 226 42.29 -0.70 2.42
CA GLU D 226 42.59 -1.65 1.37
C GLU D 226 41.82 -1.31 0.10
N LEU D 227 40.56 -0.94 0.26
CA LEU D 227 39.71 -0.59 -0.86
C LEU D 227 40.17 0.72 -1.52
N ARG D 228 40.68 1.64 -0.70
CA ARG D 228 41.17 2.91 -1.22
C ARG D 228 42.37 2.68 -2.15
N SER D 229 43.22 1.73 -1.79
CA SER D 229 44.39 1.43 -2.61
C SER D 229 43.97 0.76 -3.91
N ALA D 230 42.73 0.28 -3.95
CA ALA D 230 42.20 -0.38 -5.14
C ALA D 230 41.36 0.59 -5.96
N HIS D 231 41.33 1.85 -5.53
CA HIS D 231 40.58 2.90 -6.21
C HIS D 231 39.07 2.72 -6.10
N VAL D 232 38.61 2.14 -4.99
CA VAL D 232 37.18 1.93 -4.78
C VAL D 232 36.57 3.20 -4.20
N ALA D 233 35.47 3.65 -4.81
CA ALA D 233 34.80 4.86 -4.36
C ALA D 233 33.70 4.65 -3.32
N MET D 234 33.24 3.42 -3.15
CA MET D 234 32.19 3.13 -2.18
C MET D 234 32.35 1.76 -1.54
N ALA D 235 32.19 1.71 -0.22
CA ALA D 235 32.28 0.46 0.53
C ALA D 235 30.87 0.11 1.03
N LEU D 236 30.35 -1.02 0.58
CA LEU D 236 28.99 -1.43 0.96
C LEU D 236 28.91 -2.55 1.99
N TYR D 237 28.09 -2.32 3.02
CA TYR D 237 27.86 -3.30 4.08
C TYR D 237 26.34 -3.44 4.15
N PRO D 238 25.77 -4.18 3.19
CA PRO D 238 24.33 -4.45 3.01
C PRO D 238 23.49 -5.00 4.15
N LEU D 239 23.99 -6.00 4.85
CA LEU D 239 23.22 -6.62 5.94
C LEU D 239 23.88 -6.69 7.30
N SER D 240 25.10 -6.17 7.40
CA SER D 240 25.87 -6.18 8.64
C SER D 240 25.02 -6.00 9.90
N ALA D 241 24.42 -4.82 10.06
CA ALA D 241 23.60 -4.55 11.24
C ALA D 241 22.45 -5.54 11.40
N PHE D 242 21.80 -5.88 10.28
CA PHE D 242 20.68 -6.82 10.28
C PHE D 242 21.06 -8.15 10.91
N ARG D 243 22.20 -8.70 10.51
CA ARG D 243 22.67 -9.98 11.02
C ARG D 243 22.83 -9.96 12.54
N ALA D 244 23.32 -8.84 13.07
CA ALA D 244 23.53 -8.71 14.49
C ALA D 244 22.21 -8.55 15.25
N MET D 245 21.26 -7.83 14.66
CA MET D 245 19.96 -7.62 15.32
C MET D 245 19.20 -8.93 15.43
N ASN D 246 19.36 -9.81 14.45
CA ASN D 246 18.67 -11.10 14.47
C ASN D 246 19.22 -12.01 15.57
N ARG D 247 20.54 -12.07 15.70
CA ARG D 247 21.17 -12.88 16.74
C ARG D 247 20.76 -12.38 18.11
N ALA D 248 20.70 -11.06 18.25
CA ALA D 248 20.32 -10.44 19.53
C ALA D 248 18.86 -10.74 19.84
N ALA D 249 18.02 -10.66 18.82
CA ALA D 249 16.58 -10.92 19.00
C ALA D 249 16.36 -12.40 19.32
N GLU D 250 17.15 -13.25 18.67
CA GLU D 250 17.05 -14.68 18.89
C GLU D 250 17.47 -15.02 20.32
N LYS D 251 18.50 -14.34 20.80
CA LYS D 251 19.00 -14.57 22.16
C LYS D 251 17.89 -14.26 23.17
N VAL D 252 17.22 -13.12 22.98
CA VAL D 252 16.14 -12.70 23.86
C VAL D 252 14.99 -13.70 23.87
N TYR D 253 14.56 -14.12 22.69
CA TYR D 253 13.46 -15.09 22.59
C TYR D 253 13.83 -16.40 23.29
N THR D 254 15.05 -16.88 23.04
CA THR D 254 15.51 -18.13 23.62
C THR D 254 15.60 -18.08 25.15
N VAL D 255 16.23 -17.04 25.69
CA VAL D 255 16.36 -16.93 27.13
C VAL D 255 15.00 -16.78 27.81
N LEU D 256 14.15 -15.93 27.24
CA LEU D 256 12.82 -15.70 27.81
C LEU D 256 12.00 -16.98 27.87
N ARG D 257 12.09 -17.79 26.81
CA ARG D 257 11.35 -19.04 26.74
C ARG D 257 11.89 -20.09 27.73
N GLN D 258 13.22 -20.14 27.87
CA GLN D 258 13.84 -21.10 28.78
C GLN D 258 13.63 -20.72 30.25
N GLU D 259 13.89 -19.46 30.56
CA GLU D 259 13.79 -18.97 31.94
C GLU D 259 12.46 -18.39 32.41
N GLY D 260 11.53 -18.15 31.49
CA GLY D 260 10.25 -17.58 31.89
C GLY D 260 10.33 -16.14 32.34
N THR D 261 11.42 -15.47 31.99
CA THR D 261 11.63 -14.07 32.35
C THR D 261 12.78 -13.53 31.52
N GLN D 262 12.81 -12.22 31.28
CA GLN D 262 13.89 -11.65 30.49
C GLN D 262 14.95 -10.97 31.35
N LYS D 263 14.90 -11.21 32.65
CA LYS D 263 15.85 -10.61 33.58
C LYS D 263 17.31 -10.70 33.15
N ASN D 264 17.73 -11.89 32.71
CA ASN D 264 19.12 -12.09 32.31
C ASN D 264 19.52 -11.61 30.91
N VAL D 265 18.65 -10.84 30.27
CA VAL D 265 18.99 -10.31 28.95
C VAL D 265 18.77 -8.80 28.92
N ILE D 266 18.37 -8.25 30.07
CA ILE D 266 18.15 -6.81 30.17
C ILE D 266 19.43 -6.07 29.80
N ASP D 267 20.57 -6.62 30.22
CA ASP D 267 21.87 -6.00 29.97
C ASP D 267 22.21 -5.79 28.49
N ILE D 268 21.60 -6.56 27.59
CA ILE D 268 21.89 -6.39 26.16
C ILE D 268 20.77 -5.63 25.46
N MET D 269 19.91 -4.98 26.24
CA MET D 269 18.79 -4.21 25.71
C MET D 269 18.98 -2.71 25.67
N GLN D 270 18.67 -2.12 24.53
CA GLN D 270 18.74 -0.66 24.36
C GLN D 270 17.78 -0.11 25.42
N THR D 271 18.21 0.90 26.17
CA THR D 271 17.37 1.48 27.21
C THR D 271 16.34 2.46 26.66
N ARG D 272 15.38 2.85 27.50
CA ARG D 272 14.37 3.80 27.08
C ARG D 272 14.99 5.11 26.63
N ASN D 273 15.87 5.66 27.44
CA ASN D 273 16.53 6.92 27.10
C ASN D 273 17.25 6.81 25.78
N GLU D 274 17.92 5.68 25.55
CA GLU D 274 18.64 5.47 24.30
C GLU D 274 17.69 5.44 23.12
N LEU D 275 16.55 4.75 23.28
CA LEU D 275 15.57 4.65 22.21
C LEU D 275 14.97 6.02 21.91
N TYR D 276 14.48 6.69 22.96
CA TYR D 276 13.88 8.00 22.81
C TYR D 276 14.77 8.99 22.07
N GLU D 277 16.07 8.91 22.32
CA GLU D 277 17.01 9.81 21.68
C GLU D 277 17.23 9.48 20.21
N SER D 278 17.32 8.20 19.88
CA SER D 278 17.54 7.82 18.48
C SER D 278 16.40 8.28 17.59
N ILE D 279 15.22 8.49 18.17
CA ILE D 279 14.06 8.93 17.38
C ILE D 279 13.59 10.33 17.76
N ASN D 280 14.45 11.07 18.45
CA ASN D 280 14.16 12.44 18.86
C ASN D 280 12.84 12.59 19.62
N TYR D 281 12.53 11.62 20.47
CA TYR D 281 11.30 11.64 21.25
C TYR D 281 11.09 12.95 22.00
N TYR D 282 12.13 13.43 22.68
CA TYR D 282 12.04 14.66 23.45
C TYR D 282 11.81 15.89 22.58
N GLN D 283 12.36 15.87 21.36
CA GLN D 283 12.21 16.99 20.46
C GLN D 283 10.74 17.20 20.09
N PHE D 284 9.99 16.10 20.00
CA PHE D 284 8.57 16.20 19.68
C PHE D 284 7.78 16.59 20.92
#